data_8W4Q
#
_entry.id   8W4Q
#
_cell.length_a   57.509
_cell.length_b   79.990
_cell.length_c   162.723
_cell.angle_alpha   90.00
_cell.angle_beta   90.00
_cell.angle_gamma   90.00
#
_symmetry.space_group_name_H-M   'P 21 21 21'
#
loop_
_entity.id
_entity.type
_entity.pdbx_description
1 polymer "cAMP-specific 3',5'-cyclic phosphodiesterase 4D"
2 non-polymer 'MAGNESIUM ION'
3 non-polymer 'ZINC ION'
4 non-polymer '5-[(3-chlorophenyl)amino]benzo[c][2,6]naphthyridine-8-carboxylic acid'
5 non-polymer 1,2-ETHANEDIOL
6 water water
#
_entity_poly.entity_id   1
_entity_poly.type   'polypeptide(L)'
_entity_poly.pdbx_seq_one_letter_code
;MGSSHHHHHHSSGLVPRGSHMTEQEDVLAKELEDVNKWGLHVFRIAELSGNRPLTVIMHTIFQERDLLKTFKIPVDTLIT
YLMTLEDHYHADVAYHNNIHAADVVQSTHVLLSTPALEAVFTDLEILAAIFASAIHDVDHPGVSNQFLINTNSELALMYN
DSSVLENHHLAVGFKLLQEENCDIFQNLTKKQRQSLRKMVIDIVLATDMSKHMNLLADLKTMVETKKVTSSGVLLLDNYS
DRIQVLQNMVHCADLSNPTKPLQLYRQWTDRIMEEFFRQGDRERERGMEISPMCDKHNASVEKSQVGFIDYIVHPLWETW
ADLVHPDAQDILDTLEDNREWYQSTIPQS
;
_entity_poly.pdbx_strand_id   A,B
#
loop_
_chem_comp.id
_chem_comp.type
_chem_comp.name
_chem_comp.formula
3NG non-polymer '5-[(3-chlorophenyl)amino]benzo[c][2,6]naphthyridine-8-carboxylic acid' 'C19 H12 Cl N3 O2'
EDO non-polymer 1,2-ETHANEDIOL 'C2 H6 O2'
MG non-polymer 'MAGNESIUM ION' 'Mg 2'
ZN non-polymer 'ZINC ION' 'Zn 2'
#
# COMPACT_ATOMS: atom_id res chain seq x y z
N GLN A 24 7.22 -42.94 15.58
CA GLN A 24 6.73 -41.57 15.47
C GLN A 24 6.45 -41.18 14.02
N GLU A 25 7.24 -41.72 13.09
CA GLU A 25 6.97 -41.49 11.68
C GLU A 25 5.62 -42.08 11.29
N ASP A 26 5.32 -43.28 11.80
CA ASP A 26 4.05 -43.94 11.49
C ASP A 26 2.87 -43.13 11.99
N VAL A 27 2.91 -42.67 13.23
CA VAL A 27 1.78 -41.94 13.78
C VAL A 27 1.59 -40.62 13.07
N LEU A 28 2.70 -39.95 12.71
CA LEU A 28 2.58 -38.68 12.01
C LEU A 28 1.93 -38.88 10.64
N ALA A 29 2.35 -39.91 9.91
CA ALA A 29 1.70 -40.23 8.64
C ALA A 29 0.23 -40.56 8.84
N LYS A 30 -0.10 -41.27 9.92
CA LYS A 30 -1.49 -41.54 10.24
C LYS A 30 -2.26 -40.24 10.42
N GLU A 31 -1.71 -39.32 11.21
CA GLU A 31 -2.37 -38.03 11.43
C GLU A 31 -2.53 -37.25 10.14
N LEU A 32 -1.51 -37.28 9.28
CA LEU A 32 -1.57 -36.50 8.05
C LEU A 32 -2.60 -37.04 7.08
N GLU A 33 -3.11 -38.27 7.31
CA GLU A 33 -4.20 -38.78 6.51
C GLU A 33 -5.48 -37.98 6.68
N ASP A 34 -5.57 -37.15 7.73
CA ASP A 34 -6.72 -36.29 7.97
C ASP A 34 -6.58 -34.90 7.32
N VAL A 35 -5.62 -34.72 6.42
CA VAL A 35 -5.35 -33.41 5.85
C VAL A 35 -6.56 -32.85 5.11
N ASN A 36 -7.47 -33.71 4.67
CA ASN A 36 -8.66 -33.24 3.98
C ASN A 36 -9.83 -32.95 4.92
N LYS A 37 -9.63 -33.03 6.23
CA LYS A 37 -10.71 -32.95 7.20
C LYS A 37 -10.65 -31.67 8.03
N TRP A 38 -11.81 -31.05 8.24
CA TRP A 38 -11.93 -29.97 9.19
C TRP A 38 -11.73 -30.54 10.59
N GLY A 39 -10.83 -29.96 11.37
CA GLY A 39 -10.54 -30.47 12.69
C GLY A 39 -9.30 -31.32 12.80
N LEU A 40 -8.43 -31.30 11.79
CA LEU A 40 -7.11 -31.90 11.87
C LEU A 40 -6.43 -31.58 13.19
N HIS A 41 -5.74 -32.57 13.76
CA HIS A 41 -5.07 -32.42 15.05
C HIS A 41 -3.74 -31.68 14.85
N VAL A 42 -3.87 -30.38 14.57
CA VAL A 42 -2.71 -29.63 14.11
C VAL A 42 -1.68 -29.45 15.21
N PHE A 43 -2.10 -29.39 16.48
CA PHE A 43 -1.12 -29.29 17.56
C PHE A 43 -0.36 -30.61 17.71
N ARG A 44 -1.05 -31.72 17.53
CA ARG A 44 -0.36 -33.03 17.58
C ARG A 44 0.59 -33.19 16.42
N ILE A 45 0.17 -32.78 15.21
CA ILE A 45 1.07 -32.85 14.06
C ILE A 45 2.29 -31.96 14.30
N ALA A 46 2.09 -30.79 14.92
CA ALA A 46 3.24 -29.96 15.28
C ALA A 46 4.22 -30.73 16.14
N GLU A 47 3.72 -31.43 17.16
CA GLU A 47 4.57 -32.25 18.04
C GLU A 47 5.23 -33.38 17.26
N LEU A 48 4.44 -34.13 16.50
CA LEU A 48 4.94 -35.35 15.89
C LEU A 48 5.94 -35.06 14.78
N SER A 49 5.83 -33.88 14.17
CA SER A 49 6.72 -33.47 13.08
C SER A 49 7.99 -32.79 13.58
N GLY A 50 8.17 -32.64 14.89
CA GLY A 50 9.31 -31.93 15.41
C GLY A 50 9.23 -30.44 15.15
N ASN A 51 8.07 -29.85 15.50
CA ASN A 51 7.76 -28.43 15.29
C ASN A 51 7.92 -28.04 13.82
N ARG A 52 7.51 -28.92 12.92
CA ARG A 52 7.44 -28.57 11.50
C ARG A 52 6.03 -28.79 10.95
N PRO A 53 4.98 -28.29 11.62
CA PRO A 53 3.65 -28.49 11.06
C PRO A 53 3.48 -27.86 9.71
N LEU A 54 4.04 -26.67 9.49
CA LEU A 54 3.85 -25.99 8.21
C LEU A 54 4.52 -26.76 7.08
N THR A 55 5.75 -27.24 7.31
CA THR A 55 6.46 -28.00 6.28
C THR A 55 5.73 -29.28 5.93
N VAL A 56 5.36 -30.10 6.93
CA VAL A 56 4.79 -31.40 6.60
C VAL A 56 3.35 -31.26 6.09
N ILE A 57 2.62 -30.26 6.57
CA ILE A 57 1.25 -30.09 6.08
C ILE A 57 1.27 -29.54 4.67
N MET A 58 2.13 -28.55 4.38
CA MET A 58 2.26 -28.05 3.03
C MET A 58 2.71 -29.15 2.08
N HIS A 59 3.70 -29.93 2.48
CA HIS A 59 4.19 -31.01 1.62
C HIS A 59 3.09 -32.02 1.32
N THR A 60 2.35 -32.43 2.36
CA THR A 60 1.24 -33.37 2.16
C THR A 60 0.20 -32.80 1.21
N ILE A 61 -0.14 -31.52 1.37
CA ILE A 61 -1.16 -30.92 0.51
C ILE A 61 -0.66 -30.82 -0.92
N PHE A 62 0.61 -30.47 -1.09
CA PHE A 62 1.18 -30.37 -2.43
C PHE A 62 1.17 -31.73 -3.14
N GLN A 63 1.42 -32.81 -2.39
CA GLN A 63 1.34 -34.15 -2.98
C GLN A 63 -0.10 -34.55 -3.25
N GLU A 64 -1.01 -34.25 -2.32
CA GLU A 64 -2.42 -34.56 -2.52
C GLU A 64 -2.97 -33.92 -3.78
N ARG A 65 -2.59 -32.67 -4.04
CA ARG A 65 -3.10 -31.93 -5.20
C ARG A 65 -2.20 -32.07 -6.42
N ASP A 66 -1.17 -32.92 -6.35
CA ASP A 66 -0.25 -33.16 -7.47
C ASP A 66 0.43 -31.86 -7.92
N LEU A 67 0.69 -30.95 -6.99
CA LEU A 67 1.23 -29.65 -7.38
C LEU A 67 2.71 -29.73 -7.74
N LEU A 68 3.45 -30.70 -7.20
CA LEU A 68 4.85 -30.86 -7.59
C LEU A 68 4.95 -31.25 -9.06
N LYS A 69 4.15 -32.23 -9.49
CA LYS A 69 4.17 -32.63 -10.89
C LYS A 69 3.65 -31.51 -11.80
N THR A 70 2.58 -30.84 -11.39
CA THR A 70 1.95 -29.84 -12.26
C THR A 70 2.88 -28.67 -12.53
N PHE A 71 3.62 -28.22 -11.51
CA PHE A 71 4.47 -27.06 -11.64
C PHE A 71 5.95 -27.40 -11.61
N LYS A 72 6.29 -28.68 -11.76
CA LYS A 72 7.68 -29.14 -11.86
C LYS A 72 8.52 -28.59 -10.71
N ILE A 73 7.95 -28.66 -9.50
CA ILE A 73 8.65 -28.22 -8.29
C ILE A 73 9.55 -29.34 -7.82
N PRO A 74 10.87 -29.16 -7.82
CA PRO A 74 11.74 -30.18 -7.22
C PRO A 74 11.41 -30.36 -5.75
N VAL A 75 11.30 -31.63 -5.31
CA VAL A 75 10.84 -31.85 -3.95
C VAL A 75 11.82 -31.28 -2.93
N ASP A 76 13.12 -31.31 -3.24
CA ASP A 76 14.11 -30.78 -2.30
C ASP A 76 14.02 -29.26 -2.22
N THR A 77 13.72 -28.61 -3.34
CA THR A 77 13.48 -27.17 -3.31
C THR A 77 12.27 -26.82 -2.47
N LEU A 78 11.20 -27.61 -2.60
CA LEU A 78 9.99 -27.34 -1.82
C LEU A 78 10.27 -27.48 -0.33
N ILE A 79 10.95 -28.56 0.07
CA ILE A 79 11.23 -28.76 1.48
C ILE A 79 12.15 -27.67 2.01
N THR A 80 13.17 -27.29 1.22
CA THR A 80 14.10 -26.25 1.65
C THR A 80 13.40 -24.91 1.83
N TYR A 81 12.55 -24.53 0.88
CA TYR A 81 11.80 -23.29 1.06
C TYR A 81 10.89 -23.38 2.28
N LEU A 82 10.16 -24.50 2.41
CA LEU A 82 9.18 -24.61 3.49
C LEU A 82 9.85 -24.54 4.84
N MET A 83 11.01 -25.19 5.00
CA MET A 83 11.71 -25.12 6.26
C MET A 83 12.24 -23.71 6.53
N THR A 84 12.69 -23.02 5.49
CA THR A 84 13.13 -21.64 5.66
C THR A 84 11.96 -20.72 6.01
N LEU A 85 10.83 -20.87 5.32
CA LEU A 85 9.64 -20.08 5.63
C LEU A 85 9.18 -20.35 7.06
N GLU A 86 9.10 -21.63 7.43
CA GLU A 86 8.69 -21.98 8.78
C GLU A 86 9.63 -21.38 9.82
N ASP A 87 10.93 -21.37 9.52
CA ASP A 87 11.91 -20.77 10.42
C ASP A 87 11.64 -19.29 10.65
N HIS A 88 11.06 -18.59 9.68
CA HIS A 88 10.86 -17.16 9.84
C HIS A 88 9.53 -16.80 10.51
N TYR A 89 8.75 -17.79 10.93
CA TYR A 89 7.74 -17.57 11.95
C TYR A 89 8.41 -17.60 13.32
N HIS A 90 7.87 -16.84 14.27
CA HIS A 90 8.47 -16.70 15.58
C HIS A 90 7.96 -17.80 16.51
N ALA A 91 8.88 -18.63 16.99
CA ALA A 91 8.49 -19.70 17.89
C ALA A 91 8.08 -19.21 19.27
N ASP A 92 8.42 -17.96 19.62
CA ASP A 92 8.08 -17.41 20.93
C ASP A 92 6.86 -16.51 20.90
N VAL A 93 6.10 -16.53 19.81
CA VAL A 93 4.83 -15.82 19.71
C VAL A 93 3.72 -16.84 19.88
N ALA A 94 2.82 -16.60 20.84
CA ALA A 94 1.88 -17.63 21.27
C ALA A 94 0.89 -18.01 20.17
N TYR A 95 0.43 -17.03 19.38
CA TYR A 95 -0.63 -17.28 18.39
C TYR A 95 -0.11 -17.17 16.96
N HIS A 96 0.46 -16.04 16.58
CA HIS A 96 0.82 -15.81 15.17
C HIS A 96 2.15 -16.47 14.82
N ASN A 97 2.13 -17.81 14.85
CA ASN A 97 3.34 -18.60 14.64
C ASN A 97 3.13 -19.65 13.54
N ASN A 98 4.11 -20.57 13.40
CA ASN A 98 4.05 -21.57 12.34
C ASN A 98 2.88 -22.54 12.49
N ILE A 99 2.38 -22.76 13.73
CA ILE A 99 1.21 -23.63 13.87
C ILE A 99 -0.03 -22.95 13.29
N HIS A 100 -0.18 -21.65 13.55
CA HIS A 100 -1.26 -20.88 12.95
C HIS A 100 -1.15 -20.89 11.43
N ALA A 101 0.06 -20.68 10.91
CA ALA A 101 0.25 -20.70 9.46
C ALA A 101 -0.16 -22.06 8.89
N ALA A 102 0.29 -23.15 9.52
CA ALA A 102 -0.09 -24.48 9.07
C ALA A 102 -1.59 -24.68 9.13
N ASP A 103 -2.22 -24.16 10.19
CA ASP A 103 -3.66 -24.25 10.35
C ASP A 103 -4.39 -23.54 9.22
N VAL A 104 -3.95 -22.32 8.91
CA VAL A 104 -4.63 -21.56 7.88
C VAL A 104 -4.44 -22.22 6.51
N VAL A 105 -3.23 -22.74 6.25
CA VAL A 105 -2.96 -23.52 5.03
C VAL A 105 -3.92 -24.69 4.92
N GLN A 106 -4.00 -25.51 5.97
CA GLN A 106 -4.85 -26.70 5.90
C GLN A 106 -6.32 -26.32 5.79
N SER A 107 -6.74 -25.24 6.47
CA SER A 107 -8.13 -24.84 6.39
C SER A 107 -8.48 -24.33 4.99
N THR A 108 -7.57 -23.57 4.37
CA THR A 108 -7.75 -23.15 2.99
C THR A 108 -7.83 -24.35 2.06
N HIS A 109 -6.97 -25.34 2.29
CA HIS A 109 -6.99 -26.55 1.47
C HIS A 109 -8.37 -27.24 1.51
N VAL A 110 -8.97 -27.33 2.71
CA VAL A 110 -10.29 -27.95 2.81
C VAL A 110 -11.34 -27.10 2.10
N LEU A 111 -11.31 -25.78 2.32
CA LEU A 111 -12.29 -24.91 1.69
C LEU A 111 -12.19 -24.96 0.17
N LEU A 112 -10.96 -25.10 -0.35
CA LEU A 112 -10.76 -25.20 -1.79
C LEU A 112 -11.40 -26.46 -2.37
N SER A 113 -11.55 -27.50 -1.56
CA SER A 113 -12.09 -28.77 -2.01
C SER A 113 -13.61 -28.82 -1.95
N THR A 114 -14.26 -27.73 -1.58
CA THR A 114 -15.70 -27.78 -1.36
C THR A 114 -16.41 -28.04 -2.69
N PRO A 115 -17.48 -28.85 -2.68
CA PRO A 115 -18.11 -29.23 -3.95
C PRO A 115 -18.59 -28.06 -4.79
N ALA A 116 -19.08 -26.99 -4.17
CA ALA A 116 -19.58 -25.84 -4.93
C ALA A 116 -18.47 -25.11 -5.69
N LEU A 117 -17.21 -25.46 -5.46
CA LEU A 117 -16.08 -24.84 -6.16
C LEU A 117 -15.28 -25.85 -6.99
N GLU A 118 -15.84 -27.02 -7.25
CA GLU A 118 -15.08 -28.05 -7.97
C GLU A 118 -14.76 -27.58 -9.39
N ALA A 119 -13.48 -27.64 -9.74
CA ALA A 119 -12.96 -27.24 -11.05
C ALA A 119 -13.17 -25.77 -11.36
N VAL A 120 -13.45 -24.96 -10.34
CA VAL A 120 -13.69 -23.53 -10.57
C VAL A 120 -12.37 -22.78 -10.71
N PHE A 121 -11.38 -23.12 -9.90
CA PHE A 121 -10.11 -22.41 -9.92
C PHE A 121 -9.06 -23.22 -10.68
N THR A 122 -8.17 -22.49 -11.36
CA THR A 122 -7.07 -23.14 -12.05
C THR A 122 -6.04 -23.67 -11.06
N ASP A 123 -5.12 -24.50 -11.58
CA ASP A 123 -4.01 -24.96 -10.76
C ASP A 123 -3.16 -23.81 -10.25
N LEU A 124 -3.04 -22.74 -11.03
CA LEU A 124 -2.23 -21.61 -10.57
C LEU A 124 -2.92 -20.84 -9.47
N GLU A 125 -4.26 -20.72 -9.54
CA GLU A 125 -5.00 -20.05 -8.48
C GLU A 125 -5.00 -20.87 -7.20
N ILE A 126 -5.10 -22.19 -7.34
CA ILE A 126 -4.98 -23.06 -6.17
C ILE A 126 -3.61 -22.90 -5.53
N LEU A 127 -2.55 -22.92 -6.35
CA LEU A 127 -1.21 -22.69 -5.82
C LEU A 127 -1.10 -21.34 -5.13
N ALA A 128 -1.68 -20.29 -5.73
CA ALA A 128 -1.59 -18.97 -5.13
C ALA A 128 -2.30 -18.92 -3.78
N ALA A 129 -3.49 -19.52 -3.68
CA ALA A 129 -4.22 -19.48 -2.41
C ALA A 129 -3.50 -20.24 -1.31
N ILE A 130 -2.91 -21.39 -1.65
CA ILE A 130 -2.21 -22.16 -0.64
C ILE A 130 -0.90 -21.48 -0.24
N PHE A 131 -0.15 -20.96 -1.24
CA PHE A 131 1.09 -20.24 -0.93
C PHE A 131 0.79 -19.00 -0.10
N ALA A 132 -0.25 -18.23 -0.49
CA ALA A 132 -0.61 -17.06 0.29
C ALA A 132 -0.93 -17.43 1.74
N SER A 133 -1.66 -18.52 1.95
CA SER A 133 -1.95 -18.93 3.33
C SER A 133 -0.67 -19.27 4.09
N ALA A 134 0.29 -19.91 3.43
CA ALA A 134 1.50 -20.32 4.10
C ALA A 134 2.32 -19.12 4.58
N ILE A 135 2.37 -18.06 3.77
CA ILE A 135 3.22 -16.92 4.09
C ILE A 135 2.48 -15.81 4.82
N HIS A 136 1.17 -15.95 5.06
CA HIS A 136 0.33 -14.78 5.32
C HIS A 136 0.65 -14.07 6.63
N ASP A 137 1.31 -14.74 7.60
CA ASP A 137 1.67 -14.08 8.85
C ASP A 137 3.17 -14.19 9.14
N VAL A 138 4.00 -14.44 8.12
CA VAL A 138 5.40 -14.78 8.41
C VAL A 138 6.12 -13.60 9.04
N ASP A 139 6.98 -13.89 10.02
CA ASP A 139 7.73 -12.89 10.77
C ASP A 139 6.81 -11.97 11.55
N HIS A 140 5.64 -12.46 11.96
CA HIS A 140 4.74 -11.68 12.81
C HIS A 140 5.36 -11.49 14.18
N PRO A 141 5.46 -10.27 14.69
CA PRO A 141 6.11 -10.04 15.99
C PRO A 141 5.21 -10.23 17.19
N GLY A 142 3.93 -10.53 16.98
CA GLY A 142 3.01 -10.73 18.09
C GLY A 142 2.36 -9.47 18.63
N VAL A 143 2.41 -8.36 17.89
CA VAL A 143 1.69 -7.14 18.24
C VAL A 143 0.95 -6.68 16.99
N SER A 144 -0.03 -5.79 17.20
CA SER A 144 -0.96 -5.39 16.14
C SER A 144 -0.38 -4.26 15.28
N ASN A 145 -1.03 -4.06 14.13
CA ASN A 145 -0.69 -2.92 13.28
C ASN A 145 -0.79 -1.62 14.06
N GLN A 146 -1.85 -1.46 14.86
CA GLN A 146 -2.02 -0.20 15.58
C GLN A 146 -0.91 -0.01 16.60
N PHE A 147 -0.48 -1.10 17.25
CA PHE A 147 0.65 -0.99 18.18
C PHE A 147 1.92 -0.57 17.44
N LEU A 148 2.18 -1.15 16.28
CA LEU A 148 3.35 -0.77 15.50
C LEU A 148 3.27 0.68 15.04
N ILE A 149 2.07 1.15 14.71
CA ILE A 149 1.89 2.54 14.29
C ILE A 149 2.10 3.48 15.48
N ASN A 150 1.46 3.17 16.61
CA ASN A 150 1.51 4.05 17.77
C ASN A 150 2.89 4.11 18.41
N THR A 151 3.71 3.08 18.24
CA THR A 151 5.05 3.09 18.82
C THR A 151 6.10 3.60 17.83
N ASN A 152 5.67 4.11 16.68
CA ASN A 152 6.60 4.64 15.67
C ASN A 152 7.63 3.59 15.29
N SER A 153 7.17 2.36 15.08
CA SER A 153 8.05 1.25 14.76
C SER A 153 8.70 1.46 13.40
N GLU A 154 9.84 0.77 13.21
CA GLU A 154 10.49 0.77 11.90
C GLU A 154 9.56 0.24 10.82
N LEU A 155 8.79 -0.81 11.12
CA LEU A 155 7.87 -1.37 10.14
C LEU A 155 6.83 -0.35 9.71
N ALA A 156 6.27 0.39 10.67
CA ALA A 156 5.25 1.39 10.33
C ALA A 156 5.85 2.54 9.55
N LEU A 157 7.11 2.88 9.84
CA LEU A 157 7.81 3.90 9.05
C LEU A 157 8.04 3.41 7.62
N MET A 158 8.45 2.15 7.46
CA MET A 158 8.66 1.60 6.13
C MET A 158 7.38 1.61 5.31
N TYR A 159 6.25 1.27 5.92
CA TYR A 159 5.02 1.01 5.17
C TYR A 159 3.97 2.09 5.33
N ASN A 160 4.34 3.25 5.87
CA ASN A 160 3.48 4.42 5.88
C ASN A 160 2.12 4.11 6.51
N ASP A 161 2.17 3.32 7.60
CA ASP A 161 1.03 3.01 8.46
C ASP A 161 -0.07 2.22 7.74
N SER A 162 0.19 1.70 6.54
CA SER A 162 -0.87 1.09 5.73
C SER A 162 -0.61 -0.42 5.59
N SER A 163 -1.53 -1.22 6.10
CA SER A 163 -1.39 -2.68 6.15
C SER A 163 0.05 -3.08 6.47
N VAL A 164 0.54 -2.57 7.60
CA VAL A 164 1.98 -2.63 7.90
C VAL A 164 2.45 -4.08 7.95
N LEU A 165 1.81 -4.89 8.82
CA LEU A 165 2.22 -6.28 8.95
C LEU A 165 2.04 -7.05 7.65
N GLU A 166 0.89 -6.86 6.99
CA GLU A 166 0.57 -7.67 5.83
C GLU A 166 1.52 -7.38 4.68
N ASN A 167 1.91 -6.12 4.51
CA ASN A 167 2.95 -5.84 3.51
C ASN A 167 4.25 -6.52 3.88
N HIS A 168 4.58 -6.54 5.17
CA HIS A 168 5.82 -7.19 5.62
C HIS A 168 5.76 -8.70 5.38
N HIS A 169 4.64 -9.34 5.72
CA HIS A 169 4.53 -10.78 5.50
C HIS A 169 4.78 -11.11 4.04
N LEU A 170 4.19 -10.34 3.12
CA LEU A 170 4.40 -10.59 1.70
C LEU A 170 5.87 -10.43 1.33
N ALA A 171 6.49 -9.33 1.77
CA ALA A 171 7.86 -9.05 1.38
C ALA A 171 8.79 -10.16 1.84
N VAL A 172 8.62 -10.62 3.08
CA VAL A 172 9.46 -11.71 3.59
C VAL A 172 9.18 -13.01 2.83
N GLY A 173 7.90 -13.33 2.64
CA GLY A 173 7.54 -14.57 1.98
C GLY A 173 8.12 -14.69 0.58
N PHE A 174 8.08 -13.59 -0.20
CA PHE A 174 8.67 -13.62 -1.53
C PHE A 174 10.19 -13.54 -1.49
N LYS A 175 10.75 -12.76 -0.56
CA LYS A 175 12.21 -12.64 -0.50
C LYS A 175 12.86 -13.98 -0.22
N LEU A 176 12.22 -14.81 0.61
CA LEU A 176 12.82 -16.09 0.96
C LEU A 176 12.93 -17.02 -0.24
N LEU A 177 12.14 -16.79 -1.30
CA LEU A 177 12.30 -17.58 -2.51
C LEU A 177 13.68 -17.41 -3.13
N GLN A 178 14.40 -16.35 -2.79
CA GLN A 178 15.70 -16.07 -3.37
C GLN A 178 16.85 -16.72 -2.61
N GLU A 179 16.56 -17.42 -1.51
CA GLU A 179 17.62 -18.13 -0.80
C GLU A 179 18.00 -19.40 -1.56
N GLU A 180 19.12 -20.00 -1.16
CA GLU A 180 19.68 -21.13 -1.89
C GLU A 180 18.69 -22.28 -1.99
N ASN A 181 18.44 -22.74 -3.21
CA ASN A 181 17.53 -23.86 -3.50
C ASN A 181 16.14 -23.65 -2.90
N CYS A 182 15.66 -22.40 -2.95
CA CYS A 182 14.37 -22.05 -2.37
C CYS A 182 13.34 -21.60 -3.39
N ASP A 183 13.70 -21.48 -4.67
CA ASP A 183 12.74 -20.92 -5.61
C ASP A 183 11.83 -22.02 -6.12
N ILE A 184 10.76 -22.28 -5.35
CA ILE A 184 9.80 -23.32 -5.74
C ILE A 184 9.05 -22.98 -7.02
N PHE A 185 9.13 -21.73 -7.49
CA PHE A 185 8.46 -21.32 -8.73
C PHE A 185 9.42 -21.24 -9.91
N GLN A 186 10.61 -21.84 -9.79
CA GLN A 186 11.63 -21.73 -10.82
C GLN A 186 11.19 -22.24 -12.20
N ASN A 187 10.20 -23.13 -12.25
CA ASN A 187 9.78 -23.73 -13.52
C ASN A 187 8.42 -23.23 -13.99
N LEU A 188 7.84 -22.25 -13.31
CA LEU A 188 6.69 -21.54 -13.86
C LEU A 188 7.16 -20.64 -14.99
N THR A 189 6.28 -20.43 -15.98
CA THR A 189 6.58 -19.44 -17.00
C THR A 189 6.59 -18.04 -16.38
N LYS A 190 7.09 -17.08 -17.15
CA LYS A 190 7.13 -15.71 -16.67
C LYS A 190 5.73 -15.17 -16.41
N LYS A 191 4.78 -15.46 -17.30
CA LYS A 191 3.42 -14.98 -17.07
C LYS A 191 2.79 -15.70 -15.88
N GLN A 192 3.07 -16.99 -15.70
CA GLN A 192 2.57 -17.69 -14.52
C GLN A 192 3.09 -17.07 -13.24
N ARG A 193 4.40 -16.74 -13.21
CA ARG A 193 4.97 -16.09 -12.04
C ARG A 193 4.35 -14.72 -11.80
N GLN A 194 4.16 -13.95 -12.87
CA GLN A 194 3.57 -12.62 -12.72
C GLN A 194 2.14 -12.73 -12.20
N SER A 195 1.36 -13.66 -12.74
CA SER A 195 -0.03 -13.80 -12.32
C SER A 195 -0.11 -14.29 -10.88
N LEU A 196 0.72 -15.28 -10.51
CA LEU A 196 0.72 -15.78 -9.14
C LEU A 196 1.11 -14.69 -8.16
N ARG A 197 2.15 -13.93 -8.46
CA ARG A 197 2.59 -12.88 -7.56
C ARG A 197 1.46 -11.88 -7.30
N LYS A 198 0.76 -11.44 -8.35
CA LYS A 198 -0.32 -10.49 -8.16
C LYS A 198 -1.43 -11.09 -7.28
N MET A 199 -1.78 -12.36 -7.53
CA MET A 199 -2.85 -13.00 -6.76
C MET A 199 -2.46 -13.16 -5.31
N VAL A 200 -1.21 -13.55 -5.04
CA VAL A 200 -0.77 -13.73 -3.66
C VAL A 200 -0.79 -12.41 -2.91
N ILE A 201 -0.35 -11.34 -3.58
CA ILE A 201 -0.39 -10.01 -2.96
C ILE A 201 -1.82 -9.62 -2.65
N ASP A 202 -2.74 -9.78 -3.62
CA ASP A 202 -4.12 -9.39 -3.37
C ASP A 202 -4.73 -10.19 -2.22
N ILE A 203 -4.33 -11.45 -2.07
CA ILE A 203 -4.92 -12.29 -1.02
C ILE A 203 -4.38 -11.90 0.35
N VAL A 204 -3.06 -11.76 0.48
CA VAL A 204 -2.51 -11.49 1.81
C VAL A 204 -2.89 -10.09 2.29
N LEU A 205 -2.96 -9.11 1.38
CA LEU A 205 -3.38 -7.79 1.84
C LEU A 205 -4.80 -7.83 2.37
N ALA A 206 -5.64 -8.73 1.83
CA ALA A 206 -7.02 -8.85 2.31
C ALA A 206 -7.13 -9.43 3.70
N THR A 207 -6.04 -9.97 4.28
CA THR A 207 -6.12 -10.50 5.64
C THR A 207 -5.98 -9.43 6.72
N ASP A 208 -5.68 -8.19 6.33
CA ASP A 208 -5.69 -7.07 7.26
C ASP A 208 -7.10 -6.91 7.82
N MET A 209 -7.24 -7.06 9.15
CA MET A 209 -8.57 -7.04 9.74
C MET A 209 -9.27 -5.71 9.56
N SER A 210 -8.54 -4.63 9.27
CA SER A 210 -9.18 -3.34 9.02
C SER A 210 -10.01 -3.36 7.75
N LYS A 211 -9.79 -4.34 6.87
CA LYS A 211 -10.54 -4.49 5.62
C LYS A 211 -11.71 -5.45 5.75
N HIS A 212 -11.94 -6.00 6.95
CA HIS A 212 -12.93 -7.06 7.12
C HIS A 212 -14.32 -6.61 6.68
N MET A 213 -14.76 -5.43 7.13
CA MET A 213 -16.12 -4.99 6.83
C MET A 213 -16.33 -4.81 5.33
N ASN A 214 -15.33 -4.25 4.63
CA ASN A 214 -15.47 -4.07 3.19
C ASN A 214 -15.45 -5.42 2.48
N LEU A 215 -14.56 -6.32 2.89
CA LEU A 215 -14.49 -7.64 2.29
C LEU A 215 -15.81 -8.39 2.48
N LEU A 216 -16.39 -8.30 3.68
CA LEU A 216 -17.66 -8.98 3.94
C LEU A 216 -18.81 -8.35 3.17
N ALA A 217 -18.83 -7.03 3.05
CA ALA A 217 -19.88 -6.39 2.27
C ALA A 217 -19.85 -6.86 0.83
N ASP A 218 -18.65 -7.03 0.27
CA ASP A 218 -18.56 -7.50 -1.11
C ASP A 218 -18.95 -8.97 -1.22
N LEU A 219 -18.60 -9.77 -0.22
CA LEU A 219 -19.01 -11.18 -0.23
C LEU A 219 -20.54 -11.30 -0.15
N LYS A 220 -21.17 -10.46 0.66
CA LYS A 220 -22.63 -10.44 0.73
C LYS A 220 -23.24 -10.08 -0.62
N THR A 221 -22.71 -9.06 -1.28
CA THR A 221 -23.21 -8.68 -2.60
C THR A 221 -23.08 -9.85 -3.59
N MET A 222 -21.97 -10.58 -3.54
CA MET A 222 -21.79 -11.71 -4.44
C MET A 222 -22.82 -12.80 -4.17
N VAL A 223 -23.08 -13.10 -2.89
CA VAL A 223 -24.09 -14.10 -2.55
C VAL A 223 -25.45 -13.66 -3.05
N GLU A 224 -25.79 -12.38 -2.86
CA GLU A 224 -27.09 -11.87 -3.31
C GLU A 224 -27.26 -11.96 -4.81
N THR A 225 -26.17 -11.95 -5.58
CA THR A 225 -26.19 -11.95 -7.03
C THR A 225 -25.59 -13.22 -7.61
N LYS A 226 -25.53 -14.28 -6.81
CA LYS A 226 -24.77 -15.48 -7.15
C LYS A 226 -25.27 -16.11 -8.45
N LYS A 227 -24.33 -16.60 -9.26
CA LYS A 227 -24.64 -17.37 -10.45
C LYS A 227 -23.97 -18.73 -10.37
N VAL A 228 -24.66 -19.74 -10.89
CA VAL A 228 -24.21 -21.13 -10.81
C VAL A 228 -24.27 -21.74 -12.20
N THR A 229 -23.21 -22.45 -12.58
CA THR A 229 -23.18 -23.09 -13.89
C THR A 229 -24.08 -24.32 -13.91
N SER A 230 -24.23 -24.87 -15.12
CA SER A 230 -25.08 -26.05 -15.30
C SER A 230 -24.64 -27.24 -14.48
N SER A 231 -23.37 -27.30 -14.09
CA SER A 231 -22.85 -28.38 -13.26
C SER A 231 -23.01 -28.12 -11.77
N GLY A 232 -23.66 -27.02 -11.39
CA GLY A 232 -23.93 -26.75 -9.99
C GLY A 232 -22.85 -26.03 -9.23
N VAL A 233 -21.72 -25.71 -9.87
CA VAL A 233 -20.62 -25.04 -9.17
C VAL A 233 -20.70 -23.53 -9.41
N LEU A 234 -19.94 -22.78 -8.63
CA LEU A 234 -19.96 -21.32 -8.70
C LEU A 234 -19.42 -20.82 -10.02
N LEU A 235 -20.12 -19.85 -10.62
CA LEU A 235 -19.68 -19.22 -11.86
C LEU A 235 -18.88 -17.96 -11.52
N LEU A 236 -17.59 -17.95 -11.87
CA LEU A 236 -16.68 -16.82 -11.63
C LEU A 236 -15.93 -16.53 -12.93
N ASP A 237 -16.40 -15.55 -13.70
CA ASP A 237 -15.93 -15.36 -15.07
C ASP A 237 -15.04 -14.13 -15.26
N ASN A 238 -14.55 -13.54 -14.17
CA ASN A 238 -13.65 -12.40 -14.27
C ASN A 238 -12.71 -12.41 -13.08
N TYR A 239 -11.58 -11.70 -13.22
CA TYR A 239 -10.58 -11.73 -12.17
C TYR A 239 -11.13 -11.18 -10.86
N SER A 240 -11.92 -10.10 -10.92
CA SER A 240 -12.36 -9.45 -9.70
C SER A 240 -13.17 -10.40 -8.82
N ASP A 241 -14.13 -11.12 -9.43
CA ASP A 241 -14.91 -12.09 -8.66
C ASP A 241 -14.05 -13.26 -8.20
N ARG A 242 -13.15 -13.75 -9.06
CA ARG A 242 -12.33 -14.89 -8.69
C ARG A 242 -11.42 -14.55 -7.50
N ILE A 243 -10.75 -13.40 -7.56
CA ILE A 243 -9.84 -13.04 -6.47
C ILE A 243 -10.63 -12.68 -5.23
N GLN A 244 -11.85 -12.13 -5.38
CA GLN A 244 -12.65 -11.84 -4.19
C GLN A 244 -12.99 -13.11 -3.44
N VAL A 245 -13.37 -14.17 -4.17
CA VAL A 245 -13.66 -15.45 -3.51
C VAL A 245 -12.41 -15.99 -2.83
N LEU A 246 -11.25 -15.89 -3.48
CA LEU A 246 -10.03 -16.39 -2.85
C LEU A 246 -9.65 -15.54 -1.64
N GLN A 247 -9.84 -14.21 -1.72
CA GLN A 247 -9.55 -13.38 -0.56
C GLN A 247 -10.42 -13.76 0.62
N ASN A 248 -11.72 -13.92 0.38
CA ASN A 248 -12.63 -14.29 1.45
C ASN A 248 -12.35 -15.69 1.95
N MET A 249 -11.95 -16.59 1.06
CA MET A 249 -11.64 -17.95 1.49
C MET A 249 -10.49 -17.96 2.48
N VAL A 250 -9.39 -17.28 2.16
CA VAL A 250 -8.25 -17.25 3.07
C VAL A 250 -8.58 -16.47 4.33
N HIS A 251 -9.39 -15.41 4.21
CA HIS A 251 -9.86 -14.67 5.38
C HIS A 251 -10.69 -15.57 6.30
N CYS A 252 -11.59 -16.37 5.74
CA CYS A 252 -12.34 -17.33 6.56
C CYS A 252 -11.40 -18.32 7.23
N ALA A 253 -10.42 -18.81 6.49
CA ALA A 253 -9.48 -19.75 7.07
C ALA A 253 -8.71 -19.11 8.21
N ASP A 254 -8.29 -17.87 8.02
CA ASP A 254 -7.63 -17.10 9.07
C ASP A 254 -8.52 -16.93 10.30
N LEU A 255 -9.83 -16.77 10.08
CA LEU A 255 -10.79 -16.63 11.17
C LEU A 255 -11.56 -17.90 11.43
N SER A 256 -10.90 -19.06 11.31
CA SER A 256 -11.62 -20.33 11.42
C SER A 256 -11.53 -20.96 12.80
N ASN A 257 -10.70 -20.45 13.72
CA ASN A 257 -10.56 -21.11 15.02
C ASN A 257 -11.91 -21.37 15.70
N PRO A 258 -12.85 -20.43 15.78
CA PRO A 258 -14.11 -20.71 16.47
C PRO A 258 -15.01 -21.71 15.76
N THR A 259 -14.65 -22.13 14.54
CA THR A 259 -15.42 -23.14 13.83
C THR A 259 -14.86 -24.54 13.99
N LYS A 260 -13.78 -24.68 14.72
CA LYS A 260 -13.10 -25.94 14.93
C LYS A 260 -13.66 -26.62 16.17
N PRO A 261 -13.48 -27.94 16.28
CA PRO A 261 -13.84 -28.63 17.52
C PRO A 261 -13.30 -27.90 18.75
N LEU A 262 -14.10 -27.92 19.82
CA LEU A 262 -13.87 -27.03 20.96
C LEU A 262 -12.47 -27.19 21.55
N GLN A 263 -11.93 -28.41 21.56
CA GLN A 263 -10.62 -28.58 22.18
C GLN A 263 -9.55 -27.83 21.39
N LEU A 264 -9.74 -27.66 20.09
CA LEU A 264 -8.82 -26.87 19.30
C LEU A 264 -9.06 -25.39 19.52
N TYR A 265 -10.33 -24.98 19.42
CA TYR A 265 -10.72 -23.59 19.61
C TYR A 265 -10.21 -23.05 20.95
N ARG A 266 -10.38 -23.81 22.04
CA ARG A 266 -9.94 -23.29 23.34
C ARG A 266 -8.42 -23.11 23.39
N GLN A 267 -7.66 -23.98 22.74
CA GLN A 267 -6.21 -23.79 22.69
C GLN A 267 -5.86 -22.53 21.90
N TRP A 268 -6.54 -22.30 20.78
CA TRP A 268 -6.28 -21.07 20.03
C TRP A 268 -6.65 -19.84 20.87
N THR A 269 -7.72 -19.93 21.65
CA THR A 269 -8.12 -18.80 22.47
C THR A 269 -7.10 -18.54 23.57
N ASP A 270 -6.60 -19.60 24.22
CA ASP A 270 -5.55 -19.44 25.20
C ASP A 270 -4.36 -18.71 24.59
N ARG A 271 -4.01 -19.05 23.35
CA ARG A 271 -2.82 -18.48 22.73
C ARG A 271 -3.02 -17.02 22.33
N ILE A 272 -4.18 -16.67 21.75
CA ILE A 272 -4.35 -15.28 21.36
C ILE A 272 -4.47 -14.40 22.59
N MET A 273 -5.06 -14.90 23.67
CA MET A 273 -5.13 -14.09 24.88
C MET A 273 -3.74 -13.86 25.46
N GLU A 274 -2.86 -14.86 25.40
CA GLU A 274 -1.49 -14.66 25.87
C GLU A 274 -0.78 -13.60 25.05
N GLU A 275 -0.94 -13.66 23.72
CA GLU A 275 -0.36 -12.63 22.86
C GLU A 275 -0.95 -11.26 23.17
N PHE A 276 -2.28 -11.18 23.32
CA PHE A 276 -2.92 -9.90 23.60
C PHE A 276 -2.45 -9.34 24.94
N PHE A 277 -2.38 -10.18 25.97
CA PHE A 277 -1.96 -9.71 27.28
C PHE A 277 -0.53 -9.19 27.26
N ARG A 278 0.35 -9.85 26.51
CA ARG A 278 1.74 -9.40 26.42
C ARG A 278 1.83 -8.06 25.69
N GLN A 279 0.98 -7.84 24.68
CA GLN A 279 0.92 -6.53 24.04
C GLN A 279 0.42 -5.49 25.04
N GLY A 280 -0.64 -5.81 25.78
CA GLY A 280 -1.14 -4.89 26.78
C GLY A 280 -0.11 -4.56 27.86
N ASP A 281 0.73 -5.53 28.23
CA ASP A 281 1.79 -5.26 29.19
C ASP A 281 2.78 -4.26 28.63
N ARG A 282 3.06 -4.34 27.33
CA ARG A 282 3.94 -3.34 26.71
C ARG A 282 3.26 -1.98 26.61
N GLU A 283 1.96 -1.97 26.28
CA GLU A 283 1.23 -0.72 26.22
C GLU A 283 1.17 -0.05 27.59
N ARG A 284 0.99 -0.85 28.64
CA ARG A 284 0.99 -0.31 29.99
C ARG A 284 2.36 0.23 30.37
N GLU A 285 3.42 -0.53 30.07
CA GLU A 285 4.76 -0.12 30.43
C GLU A 285 5.15 1.17 29.72
N ARG A 286 4.61 1.41 28.53
CA ARG A 286 4.90 2.62 27.78
C ARG A 286 3.96 3.77 28.10
N GLY A 287 3.00 3.56 29.00
CA GLY A 287 2.06 4.62 29.31
C GLY A 287 1.01 4.87 28.25
N MET A 288 0.82 3.93 27.33
CA MET A 288 -0.21 4.04 26.31
C MET A 288 -1.54 3.48 26.83
N GLU A 289 -2.62 3.89 26.18
CA GLU A 289 -3.91 3.25 26.42
C GLU A 289 -3.83 1.79 25.99
N ILE A 290 -4.46 0.91 26.78
CA ILE A 290 -4.39 -0.51 26.51
C ILE A 290 -5.43 -0.87 25.45
N SER A 291 -5.00 -1.64 24.46
CA SER A 291 -5.89 -2.08 23.39
C SER A 291 -7.00 -2.96 23.95
N PRO A 292 -8.13 -3.04 23.24
CA PRO A 292 -9.21 -3.93 23.69
C PRO A 292 -8.74 -5.37 23.84
N MET A 293 -9.22 -6.02 24.89
CA MET A 293 -8.91 -7.41 25.25
C MET A 293 -7.45 -7.62 25.65
N CYS A 294 -6.68 -6.55 25.83
CA CYS A 294 -5.25 -6.67 26.10
C CYS A 294 -4.87 -6.39 27.55
N ASP A 295 -5.84 -6.03 28.39
CA ASP A 295 -5.57 -5.71 29.80
C ASP A 295 -5.90 -6.95 30.62
N LYS A 296 -4.87 -7.66 31.07
CA LYS A 296 -5.09 -8.89 31.83
C LYS A 296 -5.75 -8.63 33.17
N HIS A 297 -5.86 -7.37 33.59
CA HIS A 297 -6.47 -7.05 34.88
C HIS A 297 -7.96 -6.78 34.76
N ASN A 298 -8.44 -6.33 33.61
CA ASN A 298 -9.87 -6.14 33.36
C ASN A 298 -10.25 -6.82 32.05
N ALA A 299 -10.01 -8.13 31.97
CA ALA A 299 -10.34 -8.92 30.80
C ALA A 299 -11.51 -9.84 31.11
N SER A 300 -12.33 -10.09 30.09
CA SER A 300 -13.33 -11.15 30.13
C SER A 300 -13.15 -11.97 28.86
N VAL A 301 -12.42 -13.08 28.98
CA VAL A 301 -12.07 -13.88 27.80
C VAL A 301 -13.32 -14.44 27.15
N GLU A 302 -14.28 -14.88 27.96
CA GLU A 302 -15.46 -15.56 27.42
C GLU A 302 -16.38 -14.57 26.72
N LYS A 303 -16.63 -13.42 27.33
CA LYS A 303 -17.45 -12.41 26.68
C LYS A 303 -16.80 -11.92 25.41
N SER A 304 -15.46 -11.85 25.40
CA SER A 304 -14.74 -11.41 24.22
C SER A 304 -14.89 -12.40 23.07
N GLN A 305 -14.94 -13.70 23.39
CA GLN A 305 -15.13 -14.69 22.33
C GLN A 305 -16.56 -14.65 21.78
N VAL A 306 -17.55 -14.54 22.66
CA VAL A 306 -18.93 -14.45 22.17
C VAL A 306 -19.12 -13.23 21.29
N GLY A 307 -18.55 -12.09 21.68
CA GLY A 307 -18.67 -10.89 20.85
C GLY A 307 -17.91 -11.01 19.55
N PHE A 308 -16.75 -11.64 19.57
CA PHE A 308 -16.00 -11.90 18.35
C PHE A 308 -16.81 -12.76 17.39
N ILE A 309 -17.42 -13.83 17.90
CA ILE A 309 -18.27 -14.67 17.06
C ILE A 309 -19.46 -13.87 16.55
N ASP A 310 -20.15 -13.16 17.45
CA ASP A 310 -21.41 -12.51 17.08
C ASP A 310 -21.21 -11.40 16.05
N TYR A 311 -20.13 -10.64 16.17
CA TYR A 311 -19.96 -9.45 15.36
C TYR A 311 -19.04 -9.63 14.17
N ILE A 312 -18.15 -10.64 14.19
CA ILE A 312 -17.18 -10.85 13.12
C ILE A 312 -17.29 -12.24 12.53
N VAL A 313 -17.09 -13.29 13.34
CA VAL A 313 -16.84 -14.61 12.76
C VAL A 313 -18.12 -15.24 12.22
N HIS A 314 -19.22 -15.18 12.96
CA HIS A 314 -20.44 -15.79 12.44
C HIS A 314 -20.98 -15.03 11.22
N PRO A 315 -21.03 -13.70 11.23
CA PRO A 315 -21.43 -12.99 10.00
C PRO A 315 -20.62 -13.40 8.78
N LEU A 316 -19.30 -13.54 8.93
CA LEU A 316 -18.45 -13.96 7.82
C LEU A 316 -18.77 -15.38 7.38
N TRP A 317 -18.82 -16.32 8.34
CA TRP A 317 -19.00 -17.72 8.01
C TRP A 317 -20.42 -18.04 7.55
N GLU A 318 -21.43 -17.33 8.08
CA GLU A 318 -22.78 -17.51 7.58
C GLU A 318 -22.87 -17.06 6.13
N THR A 319 -22.11 -16.03 5.76
CA THR A 319 -22.12 -15.56 4.38
C THR A 319 -21.37 -16.52 3.47
N TRP A 320 -20.20 -17.01 3.93
CA TRP A 320 -19.50 -18.03 3.17
C TRP A 320 -20.36 -19.28 2.99
N ALA A 321 -21.02 -19.70 4.06
CA ALA A 321 -21.90 -20.86 3.98
C ALA A 321 -23.00 -20.66 2.95
N ASP A 322 -23.52 -19.43 2.83
CA ASP A 322 -24.51 -19.12 1.81
C ASP A 322 -23.91 -19.23 0.41
N LEU A 323 -22.65 -18.82 0.24
CA LEU A 323 -22.02 -18.89 -1.07
C LEU A 323 -21.90 -20.33 -1.54
N VAL A 324 -21.57 -21.24 -0.64
CA VAL A 324 -21.28 -22.63 -1.00
C VAL A 324 -22.36 -23.59 -0.50
N HIS A 325 -23.55 -23.08 -0.20
CA HIS A 325 -24.59 -23.89 0.41
C HIS A 325 -24.83 -25.16 -0.41
N PRO A 326 -24.98 -26.33 0.24
CA PRO A 326 -24.95 -26.55 1.70
C PRO A 326 -23.61 -27.05 2.23
N ASP A 327 -22.54 -26.83 1.47
CA ASP A 327 -21.26 -27.46 1.77
C ASP A 327 -20.74 -27.17 3.18
N ALA A 328 -20.98 -25.97 3.70
CA ALA A 328 -20.36 -25.53 4.95
C ALA A 328 -21.27 -25.67 6.15
N GLN A 329 -22.33 -26.45 6.02
CA GLN A 329 -23.32 -26.52 7.10
C GLN A 329 -22.71 -27.08 8.39
N ASP A 330 -21.84 -28.10 8.27
CA ASP A 330 -21.27 -28.71 9.47
C ASP A 330 -20.31 -27.75 10.17
N ILE A 331 -19.57 -26.95 9.39
CA ILE A 331 -18.67 -25.95 9.96
C ILE A 331 -19.46 -24.88 10.71
N LEU A 332 -20.53 -24.40 10.08
CA LEU A 332 -21.37 -23.38 10.72
C LEU A 332 -22.02 -23.95 11.98
N ASP A 333 -22.48 -25.21 11.93
CA ASP A 333 -23.06 -25.84 13.11
C ASP A 333 -22.05 -25.91 14.27
N THR A 334 -20.79 -26.22 13.97
CA THR A 334 -19.78 -26.25 15.02
C THR A 334 -19.56 -24.86 15.59
N LEU A 335 -19.49 -23.85 14.73
CA LEU A 335 -19.34 -22.48 15.20
C LEU A 335 -20.47 -22.11 16.15
N GLU A 336 -21.71 -22.42 15.75
CA GLU A 336 -22.84 -22.05 16.59
C GLU A 336 -22.82 -22.82 17.90
N ASP A 337 -22.39 -24.09 17.87
CA ASP A 337 -22.26 -24.83 19.12
C ASP A 337 -21.21 -24.22 20.03
N ASN A 338 -20.09 -23.78 19.45
CA ASN A 338 -19.01 -23.23 20.28
C ASN A 338 -19.44 -21.89 20.88
N ARG A 339 -20.17 -21.08 20.12
CA ARG A 339 -20.72 -19.85 20.68
C ARG A 339 -21.64 -20.16 21.86
N GLU A 340 -22.55 -21.14 21.69
CA GLU A 340 -23.41 -21.52 22.79
C GLU A 340 -22.58 -21.99 23.99
N TRP A 341 -21.49 -22.71 23.76
CA TRP A 341 -20.69 -23.19 24.88
C TRP A 341 -20.00 -22.04 25.62
N TYR A 342 -19.32 -21.16 24.88
CA TYR A 342 -18.67 -20.03 25.54
C TYR A 342 -19.69 -19.15 26.26
N GLN A 343 -20.86 -18.97 25.66
CA GLN A 343 -21.91 -18.20 26.32
C GLN A 343 -22.31 -18.84 27.64
N SER A 344 -22.38 -20.17 27.67
CA SER A 344 -22.82 -20.88 28.86
C SER A 344 -21.84 -20.74 30.02
N THR A 345 -20.57 -20.43 29.74
CA THR A 345 -19.60 -20.25 30.81
C THR A 345 -19.69 -18.86 31.46
N ILE A 346 -20.55 -17.99 30.93
CA ILE A 346 -20.65 -16.62 31.43
C ILE A 346 -21.56 -16.58 32.66
N PRO A 347 -22.80 -17.10 32.65
CA PRO A 347 -23.58 -16.98 33.89
C PRO A 347 -23.00 -17.74 35.08
N GLN B 24 25.56 37.51 -5.94
CA GLN B 24 25.00 36.18 -6.05
C GLN B 24 23.79 36.02 -5.14
N GLU B 25 23.96 36.35 -3.87
CA GLU B 25 22.87 36.21 -2.89
C GLU B 25 21.81 37.29 -3.02
N ASP B 26 22.14 38.43 -3.64
CA ASP B 26 21.17 39.50 -3.83
C ASP B 26 20.41 39.37 -5.15
N VAL B 27 21.05 38.85 -6.19
CA VAL B 27 20.30 38.43 -7.37
C VAL B 27 19.45 37.21 -7.02
N LEU B 28 19.97 36.34 -6.15
CA LEU B 28 19.15 35.28 -5.58
C LEU B 28 17.87 35.85 -4.97
N ALA B 29 17.98 37.00 -4.31
CA ALA B 29 16.85 37.53 -3.53
C ALA B 29 15.77 38.11 -4.44
N LYS B 30 16.17 38.82 -5.49
CA LYS B 30 15.17 39.48 -6.34
C LYS B 30 14.33 38.48 -7.11
N GLU B 31 14.91 37.33 -7.49
CA GLU B 31 14.11 36.30 -8.13
C GLU B 31 13.23 35.57 -7.11
N LEU B 32 13.74 35.39 -5.89
CA LEU B 32 12.88 34.88 -4.81
C LEU B 32 11.67 35.76 -4.59
N GLU B 33 11.72 37.03 -5.03
CA GLU B 33 10.64 37.95 -4.76
C GLU B 33 9.31 37.50 -5.38
N ASP B 34 9.37 36.71 -6.45
CA ASP B 34 8.16 36.25 -7.14
C ASP B 34 7.87 34.78 -6.87
N VAL B 35 8.10 34.33 -5.64
CA VAL B 35 7.66 33.00 -5.23
C VAL B 35 6.15 32.86 -5.34
N ASN B 36 5.42 33.98 -5.33
CA ASN B 36 3.98 33.96 -5.45
C ASN B 36 3.50 33.97 -6.90
N LYS B 37 4.40 33.82 -7.86
CA LYS B 37 4.07 33.93 -9.27
C LYS B 37 4.31 32.62 -9.99
N TRP B 38 3.35 32.25 -10.83
CA TRP B 38 3.53 31.19 -11.81
C TRP B 38 4.60 31.58 -12.81
N GLY B 39 5.66 30.79 -12.92
CA GLY B 39 6.78 31.08 -13.78
C GLY B 39 8.06 31.52 -13.09
N LEU B 40 8.24 31.20 -11.81
CA LEU B 40 9.47 31.50 -11.10
C LEU B 40 10.68 30.92 -11.84
N HIS B 41 11.80 31.63 -11.77
CA HIS B 41 13.03 31.23 -12.49
C HIS B 41 13.82 30.25 -11.64
N VAL B 42 13.29 29.02 -11.57
CA VAL B 42 13.81 28.01 -10.64
C VAL B 42 15.20 27.51 -11.03
N PHE B 43 15.49 27.44 -12.33
CA PHE B 43 16.82 26.99 -12.75
C PHE B 43 17.88 28.01 -12.41
N ARG B 44 17.58 29.30 -12.66
CA ARG B 44 18.45 30.36 -12.18
C ARG B 44 18.63 30.25 -10.67
N ILE B 45 17.51 30.07 -9.94
CA ILE B 45 17.59 29.97 -8.49
C ILE B 45 18.42 28.76 -8.09
N ALA B 46 18.29 27.64 -8.82
CA ALA B 46 19.11 26.47 -8.55
C ALA B 46 20.60 26.77 -8.77
N GLU B 47 20.93 27.53 -9.81
CA GLU B 47 22.32 27.87 -10.07
C GLU B 47 22.85 28.89 -9.06
N LEU B 48 22.08 29.93 -8.79
CA LEU B 48 22.52 30.97 -7.86
C LEU B 48 22.62 30.48 -6.42
N SER B 49 22.08 29.30 -6.11
CA SER B 49 22.06 28.80 -4.74
C SER B 49 23.09 27.72 -4.48
N GLY B 50 23.94 27.41 -5.45
CA GLY B 50 24.87 26.30 -5.29
C GLY B 50 24.18 24.95 -5.30
N ASN B 51 23.16 24.78 -6.16
CA ASN B 51 22.37 23.55 -6.24
C ASN B 51 21.63 23.26 -4.94
N ARG B 52 21.05 24.30 -4.33
CA ARG B 52 20.14 24.12 -3.19
C ARG B 52 18.81 24.84 -3.41
N PRO B 53 18.15 24.64 -4.56
CA PRO B 53 16.86 25.34 -4.76
C PRO B 53 15.78 24.86 -3.81
N LEU B 54 15.77 23.57 -3.48
CA LEU B 54 14.77 23.08 -2.55
C LEU B 54 14.88 23.76 -1.19
N THR B 55 16.10 23.93 -0.68
CA THR B 55 16.27 24.56 0.63
C THR B 55 15.82 26.02 0.60
N VAL B 56 16.31 26.80 -0.36
CA VAL B 56 16.04 28.24 -0.31
C VAL B 56 14.59 28.55 -0.67
N ILE B 57 13.97 27.72 -1.53
CA ILE B 57 12.57 27.98 -1.90
C ILE B 57 11.64 27.57 -0.77
N MET B 58 11.88 26.41 -0.14
CA MET B 58 11.09 26.01 1.02
C MET B 58 11.18 27.05 2.13
N HIS B 59 12.40 27.49 2.45
CA HIS B 59 12.58 28.47 3.51
C HIS B 59 11.82 29.76 3.21
N THR B 60 11.94 30.25 1.98
CA THR B 60 11.24 31.47 1.59
C THR B 60 9.73 31.30 1.68
N ILE B 61 9.22 30.12 1.32
CA ILE B 61 7.79 29.88 1.35
C ILE B 61 7.27 29.86 2.79
N PHE B 62 8.01 29.20 3.68
CA PHE B 62 7.57 29.12 5.08
C PHE B 62 7.48 30.50 5.71
N GLN B 63 8.32 31.44 5.26
CA GLN B 63 8.25 32.80 5.77
C GLN B 63 7.04 33.54 5.22
N GLU B 64 6.76 33.36 3.93
CA GLU B 64 5.64 34.05 3.29
C GLU B 64 4.30 33.61 3.90
N ARG B 65 4.19 32.34 4.27
CA ARG B 65 2.98 31.82 4.89
C ARG B 65 3.04 31.78 6.40
N ASP B 66 4.12 32.28 6.99
CA ASP B 66 4.25 32.41 8.45
C ASP B 66 4.19 31.05 9.15
N LEU B 67 4.84 30.06 8.56
CA LEU B 67 4.74 28.70 9.09
C LEU B 67 5.71 28.43 10.23
N LEU B 68 6.88 29.09 10.23
CA LEU B 68 7.80 28.92 11.34
C LEU B 68 7.22 29.48 12.64
N LYS B 69 6.41 30.53 12.54
CA LYS B 69 5.79 31.10 13.74
C LYS B 69 4.59 30.28 14.18
N THR B 70 3.68 29.98 13.25
CA THR B 70 2.45 29.28 13.60
C THR B 70 2.71 27.89 14.16
N PHE B 71 3.78 27.23 13.70
CA PHE B 71 4.08 25.88 14.15
C PHE B 71 5.35 25.81 14.98
N LYS B 72 5.95 26.95 15.32
CA LYS B 72 7.06 27.04 16.28
C LYS B 72 8.23 26.15 15.85
N ILE B 73 8.60 26.26 14.58
CA ILE B 73 9.67 25.45 14.00
C ILE B 73 10.98 26.22 14.15
N PRO B 74 11.99 25.67 14.82
CA PRO B 74 13.29 26.34 14.89
C PRO B 74 13.87 26.52 13.49
N VAL B 75 14.31 27.75 13.19
CA VAL B 75 14.76 28.05 11.84
C VAL B 75 15.98 27.22 11.47
N ASP B 76 16.85 26.92 12.44
CA ASP B 76 18.05 26.14 12.14
C ASP B 76 17.70 24.67 11.89
N THR B 77 16.66 24.16 12.55
CA THR B 77 16.21 22.81 12.29
C THR B 77 15.50 22.72 10.94
N LEU B 78 14.79 23.79 10.54
CA LEU B 78 14.22 23.84 9.20
C LEU B 78 15.32 23.71 8.15
N ILE B 79 16.43 24.42 8.34
CA ILE B 79 17.50 24.41 7.35
C ILE B 79 18.25 23.08 7.38
N THR B 80 18.51 22.54 8.58
CA THR B 80 19.25 21.29 8.67
C THR B 80 18.50 20.15 7.99
N TYR B 81 17.19 20.06 8.21
CA TYR B 81 16.43 18.99 7.57
C TYR B 81 16.30 19.23 6.07
N LEU B 82 16.13 20.49 5.65
CA LEU B 82 15.97 20.77 4.23
C LEU B 82 17.21 20.39 3.44
N MET B 83 18.40 20.72 3.97
CA MET B 83 19.64 20.32 3.31
C MET B 83 19.80 18.80 3.35
N THR B 84 19.37 18.16 4.44
CA THR B 84 19.41 16.70 4.51
C THR B 84 18.47 16.07 3.48
N LEU B 85 17.25 16.63 3.36
CA LEU B 85 16.30 16.12 2.38
C LEU B 85 16.82 16.34 0.97
N GLU B 86 17.28 17.56 0.67
CA GLU B 86 17.83 17.88 -0.64
C GLU B 86 18.97 16.95 -1.02
N ASP B 87 19.78 16.53 -0.03
CA ASP B 87 20.91 15.67 -0.30
C ASP B 87 20.49 14.27 -0.74
N HIS B 88 19.31 13.82 -0.34
CA HIS B 88 18.87 12.48 -0.71
C HIS B 88 18.15 12.45 -2.05
N TYR B 89 18.07 13.59 -2.74
CA TYR B 89 17.74 13.60 -4.16
C TYR B 89 19.02 13.36 -4.97
N HIS B 90 18.89 12.60 -6.05
CA HIS B 90 20.06 12.15 -6.79
C HIS B 90 20.54 13.25 -7.74
N ALA B 91 21.84 13.55 -7.68
CA ALA B 91 22.42 14.58 -8.54
C ALA B 91 22.63 14.12 -9.97
N ASP B 92 22.65 12.81 -10.23
CA ASP B 92 22.83 12.28 -11.57
C ASP B 92 21.52 11.88 -12.24
N VAL B 93 20.39 12.30 -11.68
CA VAL B 93 19.08 12.06 -12.27
C VAL B 93 18.59 13.37 -12.87
N ALA B 94 18.29 13.35 -14.18
CA ALA B 94 18.15 14.62 -14.91
C ALA B 94 16.85 15.35 -14.56
N TYR B 95 15.79 14.62 -14.24
CA TYR B 95 14.51 15.25 -13.96
C TYR B 95 14.09 15.10 -12.50
N HIS B 96 13.96 13.87 -12.00
CA HIS B 96 13.42 13.68 -10.65
C HIS B 96 14.52 13.94 -9.60
N ASN B 97 14.90 15.21 -9.52
CA ASN B 97 15.93 15.63 -8.59
C ASN B 97 15.44 16.77 -7.70
N ASN B 98 16.37 17.44 -7.02
CA ASN B 98 16.02 18.50 -6.08
C ASN B 98 15.45 19.73 -6.78
N ILE B 99 15.78 19.98 -8.05
CA ILE B 99 15.19 21.12 -8.73
C ILE B 99 13.70 20.88 -8.97
N HIS B 100 13.35 19.66 -9.41
CA HIS B 100 11.94 19.31 -9.58
C HIS B 100 11.19 19.44 -8.27
N ALA B 101 11.79 18.98 -7.18
CA ALA B 101 11.12 19.04 -5.88
C ALA B 101 10.85 20.48 -5.49
N ALA B 102 11.80 21.38 -5.76
CA ALA B 102 11.60 22.79 -5.46
C ALA B 102 10.51 23.40 -6.33
N ASP B 103 10.44 23.00 -7.60
CA ASP B 103 9.41 23.50 -8.50
C ASP B 103 8.01 23.08 -8.07
N VAL B 104 7.84 21.82 -7.64
CA VAL B 104 6.51 21.36 -7.21
C VAL B 104 6.09 22.06 -5.93
N VAL B 105 7.04 22.27 -5.02
CA VAL B 105 6.77 23.04 -3.81
C VAL B 105 6.23 24.42 -4.17
N GLN B 106 6.97 25.14 -5.03
CA GLN B 106 6.59 26.52 -5.35
C GLN B 106 5.26 26.56 -6.07
N SER B 107 4.99 25.57 -6.93
CA SER B 107 3.72 25.54 -7.66
C SER B 107 2.56 25.25 -6.71
N THR B 108 2.72 24.29 -5.80
CA THR B 108 1.70 24.06 -4.78
C THR B 108 1.47 25.31 -3.95
N HIS B 109 2.55 25.98 -3.54
CA HIS B 109 2.41 27.20 -2.75
C HIS B 109 1.56 28.24 -3.48
N VAL B 110 1.68 28.32 -4.80
CA VAL B 110 0.90 29.31 -5.56
C VAL B 110 -0.55 28.85 -5.66
N LEU B 111 -0.76 27.58 -5.96
CA LEU B 111 -2.12 27.05 -6.09
C LEU B 111 -2.91 27.18 -4.79
N LEU B 112 -2.21 27.19 -3.66
CA LEU B 112 -2.87 27.33 -2.36
C LEU B 112 -3.46 28.72 -2.16
N SER B 113 -3.04 29.70 -2.97
CA SER B 113 -3.57 31.05 -2.89
C SER B 113 -4.62 31.33 -3.96
N THR B 114 -5.07 30.30 -4.68
CA THR B 114 -6.21 30.42 -5.56
C THR B 114 -7.36 31.13 -4.84
N PRO B 115 -7.93 32.19 -5.42
CA PRO B 115 -9.03 32.90 -4.74
C PRO B 115 -10.20 32.00 -4.36
N ALA B 116 -10.63 31.12 -5.26
CA ALA B 116 -11.75 30.22 -4.97
C ALA B 116 -11.43 29.28 -3.82
N LEU B 117 -10.19 29.29 -3.31
CA LEU B 117 -9.82 28.42 -2.21
C LEU B 117 -9.20 29.18 -1.05
N GLU B 118 -9.59 30.45 -0.87
CA GLU B 118 -9.05 31.28 0.20
C GLU B 118 -9.23 30.63 1.57
N ALA B 119 -8.15 30.09 2.13
CA ALA B 119 -8.08 29.47 3.44
C ALA B 119 -9.04 28.31 3.63
N VAL B 120 -9.56 27.74 2.53
CA VAL B 120 -10.32 26.48 2.57
C VAL B 120 -9.61 25.48 3.47
N PHE B 121 -8.29 25.53 3.48
CA PHE B 121 -7.47 24.60 4.22
C PHE B 121 -6.84 25.31 5.42
N THR B 122 -6.78 24.61 6.55
CA THR B 122 -6.22 25.18 7.76
C THR B 122 -4.70 25.25 7.65
N ASP B 123 -4.07 25.83 8.67
CA ASP B 123 -2.62 25.97 8.68
C ASP B 123 -1.93 24.61 8.62
N LEU B 124 -2.51 23.60 9.29
CA LEU B 124 -1.91 22.27 9.25
C LEU B 124 -2.03 21.65 7.86
N GLU B 125 -3.18 21.83 7.20
CA GLU B 125 -3.36 21.29 5.87
C GLU B 125 -2.46 21.98 4.86
N ILE B 126 -2.24 23.28 5.04
CA ILE B 126 -1.29 24.00 4.21
C ILE B 126 0.11 23.43 4.42
N LEU B 127 0.50 23.23 5.69
CA LEU B 127 1.81 22.65 5.98
C LEU B 127 1.93 21.26 5.37
N ALA B 128 0.90 20.43 5.50
CA ALA B 128 0.97 19.07 4.97
C ALA B 128 1.19 19.08 3.46
N ALA B 129 0.47 19.94 2.74
CA ALA B 129 0.62 19.99 1.28
C ALA B 129 2.01 20.44 0.87
N ILE B 130 2.61 21.36 1.63
CA ILE B 130 3.91 21.88 1.24
C ILE B 130 5.02 20.90 1.59
N PHE B 131 4.95 20.31 2.79
CA PHE B 131 5.93 19.28 3.17
C PHE B 131 5.85 18.09 2.24
N ALA B 132 4.63 17.66 1.89
CA ALA B 132 4.47 16.55 0.96
C ALA B 132 5.15 16.87 -0.37
N SER B 133 4.99 18.09 -0.84
CA SER B 133 5.61 18.49 -2.10
C SER B 133 7.13 18.36 -2.03
N ALA B 134 7.71 18.72 -0.87
CA ALA B 134 9.17 18.73 -0.74
C ALA B 134 9.76 17.33 -0.78
N ILE B 135 9.09 16.36 -0.15
CA ILE B 135 9.62 15.01 -0.07
C ILE B 135 9.14 14.09 -1.19
N HIS B 136 8.28 14.57 -2.09
CA HIS B 136 7.42 13.66 -2.83
C HIS B 136 8.17 12.77 -3.82
N ASP B 137 9.41 13.14 -4.22
CA ASP B 137 10.21 12.30 -5.10
C ASP B 137 11.57 11.95 -4.50
N VAL B 138 11.74 12.04 -3.18
CA VAL B 138 13.09 11.94 -2.63
C VAL B 138 13.65 10.53 -2.85
N ASP B 139 14.95 10.47 -3.18
CA ASP B 139 15.68 9.23 -3.45
C ASP B 139 15.18 8.53 -4.71
N HIS B 140 14.61 9.28 -5.65
CA HIS B 140 14.15 8.72 -6.91
C HIS B 140 15.32 8.22 -7.73
N PRO B 141 15.30 6.97 -8.22
CA PRO B 141 16.44 6.45 -9.00
C PRO B 141 16.43 6.78 -10.48
N GLY B 142 15.45 7.54 -10.97
CA GLY B 142 15.40 7.86 -12.38
C GLY B 142 14.74 6.80 -13.26
N VAL B 143 14.05 5.83 -12.68
CA VAL B 143 13.33 4.84 -13.46
C VAL B 143 11.93 4.69 -12.86
N SER B 144 11.01 4.18 -13.68
CA SER B 144 9.60 4.16 -13.34
C SER B 144 9.24 3.00 -12.42
N ASN B 145 8.04 3.08 -11.84
CA ASN B 145 7.55 1.97 -11.04
C ASN B 145 7.53 0.68 -11.85
N GLN B 146 7.07 0.75 -13.10
CA GLN B 146 6.97 -0.45 -13.92
C GLN B 146 8.34 -1.06 -14.16
N PHE B 147 9.36 -0.22 -14.35
CA PHE B 147 10.72 -0.74 -14.51
C PHE B 147 11.16 -1.46 -13.25
N LEU B 148 10.91 -0.85 -12.09
CA LEU B 148 11.27 -1.47 -10.81
C LEU B 148 10.53 -2.79 -10.59
N ILE B 149 9.27 -2.87 -11.01
CA ILE B 149 8.52 -4.11 -10.89
C ILE B 149 9.07 -5.16 -11.85
N ASN B 150 9.23 -4.80 -13.13
CA ASN B 150 9.61 -5.79 -14.12
C ASN B 150 11.05 -6.26 -13.98
N THR B 151 11.89 -5.53 -13.24
CA THR B 151 13.26 -5.96 -13.02
C THR B 151 13.46 -6.66 -11.68
N ASN B 152 12.37 -6.91 -10.95
CA ASN B 152 12.41 -7.63 -9.67
C ASN B 152 13.29 -6.89 -8.66
N SER B 153 13.17 -5.57 -8.66
CA SER B 153 14.01 -4.74 -7.80
C SER B 153 13.69 -4.96 -6.33
N GLU B 154 14.66 -4.60 -5.49
CA GLU B 154 14.47 -4.66 -4.04
C GLU B 154 13.32 -3.76 -3.60
N LEU B 155 13.18 -2.60 -4.24
CA LEU B 155 12.08 -1.70 -3.88
C LEU B 155 10.74 -2.32 -4.17
N ALA B 156 10.59 -2.95 -5.34
CA ALA B 156 9.32 -3.58 -5.69
C ALA B 156 9.05 -4.78 -4.78
N LEU B 157 10.10 -5.48 -4.37
CA LEU B 157 9.93 -6.59 -3.42
C LEU B 157 9.47 -6.08 -2.07
N MET B 158 10.03 -4.96 -1.62
CA MET B 158 9.64 -4.40 -0.33
C MET B 158 8.18 -3.96 -0.34
N TYR B 159 7.73 -3.35 -1.45
CA TYR B 159 6.45 -2.67 -1.49
C TYR B 159 5.38 -3.42 -2.30
N ASN B 160 5.65 -4.68 -2.66
CA ASN B 160 4.64 -5.55 -3.26
C ASN B 160 4.01 -4.90 -4.49
N ASP B 161 4.85 -4.28 -5.31
CA ASP B 161 4.51 -3.72 -6.61
C ASP B 161 3.50 -2.58 -6.55
N SER B 162 3.18 -2.06 -5.37
CA SER B 162 2.10 -1.07 -5.22
C SER B 162 2.69 0.27 -4.83
N SER B 163 2.52 1.26 -5.70
CA SER B 163 3.05 2.61 -5.49
C SER B 163 4.46 2.55 -4.94
N VAL B 164 5.32 1.80 -5.64
CA VAL B 164 6.62 1.42 -5.10
C VAL B 164 7.44 2.66 -4.77
N LEU B 165 7.63 3.54 -5.76
CA LEU B 165 8.43 4.74 -5.54
C LEU B 165 7.79 5.64 -4.50
N GLU B 166 6.47 5.82 -4.56
CA GLU B 166 5.82 6.82 -3.72
C GLU B 166 5.86 6.39 -2.25
N ASN B 167 5.76 5.09 -2.00
CA ASN B 167 5.92 4.59 -0.64
C ASN B 167 7.34 4.84 -0.16
N HIS B 168 8.31 4.64 -1.04
CA HIS B 168 9.71 4.86 -0.66
C HIS B 168 9.99 6.33 -0.42
N HIS B 169 9.49 7.22 -1.28
CA HIS B 169 9.68 8.65 -1.07
C HIS B 169 9.20 9.05 0.32
N LEU B 170 7.99 8.59 0.69
CA LEU B 170 7.47 8.88 2.02
C LEU B 170 8.38 8.33 3.11
N ALA B 171 8.80 7.06 2.99
CA ALA B 171 9.54 6.44 4.07
C ALA B 171 10.87 7.15 4.30
N VAL B 172 11.54 7.56 3.20
CA VAL B 172 12.79 8.31 3.33
C VAL B 172 12.51 9.69 3.92
N GLY B 173 11.51 10.39 3.38
CA GLY B 173 11.22 11.74 3.84
C GLY B 173 10.92 11.80 5.33
N PHE B 174 10.22 10.78 5.87
CA PHE B 174 9.92 10.76 7.29
C PHE B 174 11.12 10.28 8.11
N LYS B 175 11.88 9.31 7.58
CA LYS B 175 13.01 8.79 8.33
C LYS B 175 14.08 9.86 8.55
N LEU B 176 14.24 10.78 7.60
CA LEU B 176 15.25 11.82 7.73
C LEU B 176 14.94 12.77 8.88
N LEU B 177 13.66 12.89 9.25
CA LEU B 177 13.28 13.67 10.43
C LEU B 177 13.96 13.17 11.69
N GLN B 178 14.35 11.90 11.75
CA GLN B 178 14.97 11.33 12.94
C GLN B 178 16.47 11.54 12.98
N GLU B 179 17.03 12.31 12.05
CA GLU B 179 18.41 12.72 12.12
C GLU B 179 18.56 13.91 13.05
N GLU B 180 19.81 14.18 13.45
CA GLU B 180 20.08 15.21 14.43
C GLU B 180 19.59 16.58 13.98
N ASN B 181 18.77 17.22 14.81
CA ASN B 181 18.24 18.57 14.58
C ASN B 181 17.53 18.66 13.23
N CYS B 182 16.72 17.64 12.91
CA CYS B 182 15.90 17.61 11.70
C CYS B 182 14.41 17.53 11.97
N ASP B 183 13.98 17.38 13.23
CA ASP B 183 12.57 17.15 13.53
C ASP B 183 11.85 18.49 13.54
N ILE B 184 11.55 18.99 12.33
CA ILE B 184 10.89 20.27 12.19
C ILE B 184 9.49 20.28 12.77
N PHE B 185 8.95 19.12 13.14
CA PHE B 185 7.62 19.01 13.73
C PHE B 185 7.66 18.78 15.23
N GLN B 186 8.81 19.04 15.86
CA GLN B 186 8.99 18.71 17.27
C GLN B 186 7.98 19.41 18.18
N ASN B 187 7.47 20.56 17.77
CA ASN B 187 6.60 21.35 18.63
C ASN B 187 5.14 21.27 18.24
N LEU B 188 4.81 20.47 17.22
CA LEU B 188 3.42 20.12 16.97
C LEU B 188 2.91 19.29 18.14
N THR B 189 1.63 19.42 18.45
CA THR B 189 1.05 18.49 19.40
C THR B 189 1.04 17.08 18.82
N LYS B 190 0.96 16.09 19.69
CA LYS B 190 0.98 14.70 19.23
C LYS B 190 -0.14 14.44 18.24
N LYS B 191 -1.30 15.08 18.45
CA LYS B 191 -2.40 14.92 17.50
C LYS B 191 -2.10 15.65 16.19
N GLN B 192 -1.44 16.80 16.27
CA GLN B 192 -1.02 17.51 15.06
C GLN B 192 -0.03 16.68 14.26
N ARG B 193 0.93 16.03 14.94
CA ARG B 193 1.90 15.20 14.26
C ARG B 193 1.25 13.99 13.59
N GLN B 194 0.26 13.39 14.25
CA GLN B 194 -0.44 12.26 13.66
C GLN B 194 -1.31 12.71 12.48
N SER B 195 -1.96 13.86 12.60
CA SER B 195 -2.79 14.35 11.50
C SER B 195 -1.93 14.74 10.30
N LEU B 196 -0.80 15.42 10.55
CA LEU B 196 0.07 15.80 9.45
C LEU B 196 0.62 14.58 8.74
N ARG B 197 1.02 13.56 9.51
CA ARG B 197 1.58 12.35 8.91
C ARG B 197 0.55 11.70 7.99
N LYS B 198 -0.70 11.58 8.44
CA LYS B 198 -1.73 10.96 7.62
C LYS B 198 -1.95 11.74 6.34
N MET B 199 -2.04 13.07 6.43
CA MET B 199 -2.30 13.86 5.23
C MET B 199 -1.12 13.80 4.26
N VAL B 200 0.11 13.87 4.78
CA VAL B 200 1.30 13.78 3.91
C VAL B 200 1.30 12.46 3.13
N ILE B 201 1.01 11.36 3.82
CA ILE B 201 0.95 10.05 3.17
C ILE B 201 -0.12 10.05 2.09
N ASP B 202 -1.32 10.53 2.43
CA ASP B 202 -2.43 10.55 1.46
C ASP B 202 -2.06 11.37 0.22
N ILE B 203 -1.31 12.45 0.41
CA ILE B 203 -0.95 13.31 -0.72
C ILE B 203 0.12 12.65 -1.59
N VAL B 204 1.21 12.17 -0.97
CA VAL B 204 2.29 11.65 -1.80
C VAL B 204 1.86 10.37 -2.51
N LEU B 205 1.08 9.52 -1.85
CA LEU B 205 0.59 8.33 -2.54
C LEU B 205 -0.22 8.70 -3.79
N ALA B 206 -0.91 9.83 -3.75
CA ALA B 206 -1.70 10.27 -4.90
C ALA B 206 -0.86 10.81 -6.04
N THR B 207 0.45 10.99 -5.85
CA THR B 207 1.28 11.44 -6.98
C THR B 207 1.68 10.30 -7.91
N ASP B 208 1.39 9.06 -7.54
CA ASP B 208 1.58 7.93 -8.43
C ASP B 208 0.71 8.12 -9.69
N MET B 209 1.36 8.19 -10.85
CA MET B 209 0.63 8.49 -12.08
C MET B 209 -0.38 7.41 -12.43
N SER B 210 -0.22 6.18 -11.91
CA SER B 210 -1.21 5.15 -12.15
C SER B 210 -2.57 5.49 -11.56
N LYS B 211 -2.63 6.44 -10.63
CA LYS B 211 -3.86 6.85 -9.98
C LYS B 211 -4.49 8.08 -10.62
N HIS B 212 -3.88 8.60 -11.69
CA HIS B 212 -4.30 9.88 -12.25
C HIS B 212 -5.78 9.88 -12.62
N MET B 213 -6.22 8.85 -13.35
CA MET B 213 -7.59 8.83 -13.84
C MET B 213 -8.60 8.80 -12.70
N ASN B 214 -8.30 8.03 -11.65
CA ASN B 214 -9.18 7.97 -10.49
C ASN B 214 -9.25 9.33 -9.80
N LEU B 215 -8.10 9.98 -9.65
CA LEU B 215 -8.04 11.29 -9.02
C LEU B 215 -8.81 12.32 -9.83
N LEU B 216 -8.70 12.24 -11.16
CA LEU B 216 -9.37 13.20 -12.04
C LEU B 216 -10.88 12.96 -12.07
N ALA B 217 -11.31 11.70 -12.10
CA ALA B 217 -12.73 11.40 -12.08
C ALA B 217 -13.39 11.93 -10.82
N ASP B 218 -12.68 11.83 -9.69
CA ASP B 218 -13.22 12.38 -8.45
C ASP B 218 -13.20 13.90 -8.45
N LEU B 219 -12.18 14.51 -9.07
CA LEU B 219 -12.21 15.95 -9.26
C LEU B 219 -13.38 16.35 -10.14
N LYS B 220 -13.68 15.54 -11.16
CA LYS B 220 -14.81 15.81 -12.03
C LYS B 220 -16.13 15.68 -11.28
N THR B 221 -16.26 14.59 -10.51
CA THR B 221 -17.47 14.42 -9.70
C THR B 221 -17.66 15.60 -8.77
N MET B 222 -16.58 16.04 -8.12
CA MET B 222 -16.67 17.25 -7.30
C MET B 222 -17.12 18.45 -8.13
N VAL B 223 -16.64 18.56 -9.36
CA VAL B 223 -17.08 19.65 -10.23
C VAL B 223 -18.58 19.61 -10.44
N GLU B 224 -19.12 18.43 -10.74
CA GLU B 224 -20.56 18.31 -10.98
C GLU B 224 -21.39 18.46 -9.70
N THR B 225 -20.76 18.37 -8.54
CA THR B 225 -21.40 18.58 -7.25
C THR B 225 -20.87 19.81 -6.54
N LYS B 226 -20.25 20.73 -7.28
CA LYS B 226 -19.59 21.88 -6.67
C LYS B 226 -20.58 22.75 -5.92
N LYS B 227 -20.26 23.03 -4.65
CA LYS B 227 -20.99 23.99 -3.85
C LYS B 227 -20.05 25.17 -3.56
N VAL B 228 -20.51 26.38 -3.86
CA VAL B 228 -19.70 27.58 -3.70
C VAL B 228 -20.54 28.68 -3.06
N THR B 229 -19.84 29.65 -2.48
CA THR B 229 -20.50 30.81 -1.93
C THR B 229 -20.86 31.80 -3.02
N SER B 230 -21.58 32.85 -2.63
CA SER B 230 -21.63 34.06 -3.45
C SER B 230 -20.42 34.94 -3.22
N SER B 231 -19.87 34.92 -2.01
CA SER B 231 -18.65 35.66 -1.71
C SER B 231 -17.50 35.20 -2.59
N GLY B 232 -17.45 33.91 -2.91
CA GLY B 232 -16.48 33.39 -3.85
C GLY B 232 -16.09 31.93 -3.68
N VAL B 233 -15.83 31.51 -2.44
CA VAL B 233 -14.98 30.36 -2.15
C VAL B 233 -15.71 29.03 -2.34
N LEU B 234 -14.92 28.01 -2.67
CA LEU B 234 -15.36 26.62 -2.62
C LEU B 234 -15.73 26.22 -1.20
N LEU B 235 -16.67 25.29 -1.08
CA LEU B 235 -17.14 24.81 0.22
C LEU B 235 -16.92 23.32 0.33
N LEU B 236 -15.90 22.93 1.09
CA LEU B 236 -15.57 21.52 1.34
C LEU B 236 -15.74 21.26 2.83
N ASP B 237 -16.59 20.29 3.15
CA ASP B 237 -16.89 20.04 4.55
C ASP B 237 -16.20 18.81 5.11
N ASN B 238 -16.25 17.69 4.40
CA ASN B 238 -15.73 16.43 4.91
C ASN B 238 -14.27 16.25 4.50
N TYR B 239 -13.53 15.47 5.32
CA TYR B 239 -12.12 15.22 5.03
C TYR B 239 -11.92 14.60 3.66
N SER B 240 -12.86 13.74 3.24
CA SER B 240 -12.71 13.04 1.96
C SER B 240 -12.64 14.04 0.80
N ASP B 241 -13.60 14.96 0.74
CA ASP B 241 -13.56 15.98 -0.29
C ASP B 241 -12.33 16.87 -0.16
N ARG B 242 -11.95 17.21 1.07
CA ARG B 242 -10.83 18.10 1.30
C ARG B 242 -9.52 17.48 0.84
N ILE B 243 -9.14 16.33 1.41
CA ILE B 243 -7.89 15.69 1.03
C ILE B 243 -7.85 15.44 -0.48
N GLN B 244 -9.01 15.22 -1.10
CA GLN B 244 -9.04 14.98 -2.54
C GLN B 244 -8.64 16.22 -3.32
N VAL B 245 -9.04 17.42 -2.85
CA VAL B 245 -8.60 18.64 -3.52
C VAL B 245 -7.09 18.83 -3.37
N LEU B 246 -6.55 18.55 -2.18
CA LEU B 246 -5.12 18.72 -1.99
C LEU B 246 -4.34 17.67 -2.75
N GLN B 247 -4.86 16.44 -2.81
CA GLN B 247 -4.25 15.43 -3.67
C GLN B 247 -4.19 15.90 -5.12
N ASN B 248 -5.32 16.38 -5.65
CA ASN B 248 -5.32 16.89 -7.01
C ASN B 248 -4.48 18.15 -7.12
N MET B 249 -4.36 18.93 -6.03
CA MET B 249 -3.55 20.14 -6.08
C MET B 249 -2.07 19.82 -6.29
N VAL B 250 -1.52 18.95 -5.43
CA VAL B 250 -0.12 18.58 -5.55
C VAL B 250 0.12 17.79 -6.82
N HIS B 251 -0.87 17.01 -7.26
CA HIS B 251 -0.81 16.38 -8.57
C HIS B 251 -0.66 17.42 -9.66
N CYS B 252 -1.48 18.47 -9.62
CA CYS B 252 -1.37 19.55 -10.61
C CYS B 252 0.01 20.18 -10.59
N ALA B 253 0.55 20.42 -9.39
CA ALA B 253 1.89 21.00 -9.28
C ALA B 253 2.95 20.06 -9.84
N ASP B 254 2.81 18.76 -9.58
CA ASP B 254 3.71 17.76 -10.17
C ASP B 254 3.66 17.80 -11.68
N LEU B 255 2.49 18.09 -12.25
CA LEU B 255 2.28 18.12 -13.69
C LEU B 255 2.12 19.55 -14.18
N SER B 256 2.90 20.48 -13.62
CA SER B 256 2.76 21.88 -13.98
C SER B 256 3.76 22.36 -15.03
N ASN B 257 4.74 21.54 -15.43
CA ASN B 257 5.71 21.98 -16.43
C ASN B 257 5.08 22.54 -17.71
N PRO B 258 4.11 21.87 -18.35
CA PRO B 258 3.56 22.40 -19.61
C PRO B 258 2.70 23.65 -19.43
N THR B 259 2.40 24.05 -18.20
CA THR B 259 1.63 25.26 -17.95
C THR B 259 2.54 26.45 -17.61
N LYS B 260 3.84 26.25 -17.60
CA LYS B 260 4.83 27.27 -17.26
C LYS B 260 5.27 28.00 -18.51
N PRO B 261 5.87 29.19 -18.35
CA PRO B 261 6.49 29.87 -19.49
C PRO B 261 7.35 28.92 -20.31
N LEU B 262 7.31 29.12 -21.63
CA LEU B 262 7.83 28.12 -22.56
C LEU B 262 9.30 27.80 -22.31
N GLN B 263 10.13 28.81 -22.03
CA GLN B 263 11.53 28.48 -21.86
C GLN B 263 11.76 27.63 -20.61
N LEU B 264 10.87 27.70 -19.61
CA LEU B 264 10.93 26.77 -18.49
C LEU B 264 10.51 25.38 -18.93
N TYR B 265 9.33 25.27 -19.54
CA TYR B 265 8.81 24.01 -20.04
C TYR B 265 9.83 23.29 -20.93
N ARG B 266 10.48 24.02 -21.83
CA ARG B 266 11.42 23.36 -22.73
C ARG B 266 12.60 22.76 -21.97
N GLN B 267 13.06 23.45 -20.93
CA GLN B 267 14.14 22.90 -20.11
C GLN B 267 13.70 21.63 -19.37
N TRP B 268 12.49 21.64 -18.82
CA TRP B 268 11.99 20.44 -18.15
C TRP B 268 11.85 19.28 -19.12
N THR B 269 11.43 19.57 -20.36
CA THR B 269 11.27 18.52 -21.36
C THR B 269 12.60 17.88 -21.72
N ASP B 270 13.64 18.70 -21.90
CA ASP B 270 14.98 18.17 -22.14
C ASP B 270 15.39 17.22 -21.02
N ARG B 271 15.07 17.56 -19.77
CA ARG B 271 15.50 16.74 -18.65
C ARG B 271 14.70 15.44 -18.56
N ILE B 272 13.37 15.51 -18.70
CA ILE B 272 12.62 14.26 -18.62
C ILE B 272 12.95 13.35 -19.80
N MET B 273 13.23 13.91 -20.98
CA MET B 273 13.55 13.03 -22.09
C MET B 273 14.90 12.35 -21.88
N GLU B 274 15.87 13.08 -21.30
CA GLU B 274 17.15 12.46 -20.95
C GLU B 274 16.95 11.32 -19.96
N GLU B 275 16.11 11.53 -18.96
CA GLU B 275 15.86 10.47 -17.99
C GLU B 275 15.15 9.29 -18.64
N PHE B 276 14.12 9.56 -19.45
CA PHE B 276 13.42 8.48 -20.16
C PHE B 276 14.38 7.72 -21.06
N PHE B 277 15.20 8.43 -21.85
CA PHE B 277 16.09 7.74 -22.79
C PHE B 277 17.07 6.85 -22.05
N ARG B 278 17.55 7.29 -20.88
CA ARG B 278 18.45 6.46 -20.09
C ARG B 278 17.74 5.23 -19.54
N GLN B 279 16.46 5.34 -19.17
CA GLN B 279 15.72 4.15 -18.78
C GLN B 279 15.53 3.21 -19.98
N GLY B 280 15.21 3.76 -21.15
CA GLY B 280 15.04 2.90 -22.31
C GLY B 280 16.34 2.22 -22.73
N ASP B 281 17.48 2.88 -22.52
CA ASP B 281 18.75 2.23 -22.78
C ASP B 281 18.94 1.03 -21.86
N ARG B 282 18.38 1.08 -20.65
CA ARG B 282 18.48 -0.06 -19.74
C ARG B 282 17.48 -1.15 -20.12
N GLU B 283 16.26 -0.77 -20.51
CA GLU B 283 15.31 -1.77 -21.00
C GLU B 283 15.81 -2.44 -22.26
N ARG B 284 16.56 -1.72 -23.10
CA ARG B 284 17.14 -2.32 -24.29
C ARG B 284 18.25 -3.29 -23.93
N GLU B 285 19.22 -2.85 -23.11
CA GLU B 285 20.37 -3.69 -22.77
C GLU B 285 20.00 -4.89 -21.91
N ARG B 286 18.83 -4.88 -21.28
CA ARG B 286 18.33 -6.05 -20.55
C ARG B 286 17.38 -6.90 -21.37
N GLY B 287 17.01 -6.47 -22.57
CA GLY B 287 16.08 -7.22 -23.39
C GLY B 287 14.63 -6.99 -23.08
N MET B 288 14.32 -5.93 -22.35
CA MET B 288 12.95 -5.64 -21.94
C MET B 288 12.22 -4.84 -23.02
N GLU B 289 10.90 -4.85 -22.93
CA GLU B 289 10.09 -3.98 -23.76
C GLU B 289 10.35 -2.53 -23.38
N ILE B 290 10.66 -1.70 -24.38
CA ILE B 290 10.98 -0.31 -24.11
C ILE B 290 9.71 0.46 -23.78
N SER B 291 9.74 1.16 -22.65
CA SER B 291 8.59 1.95 -22.23
C SER B 291 8.30 3.06 -23.25
N PRO B 292 7.05 3.51 -23.33
CA PRO B 292 6.72 4.62 -24.23
C PRO B 292 7.64 5.81 -23.97
N MET B 293 8.08 6.44 -25.06
CA MET B 293 8.89 7.66 -25.05
C MET B 293 10.33 7.44 -24.57
N CYS B 294 10.73 6.19 -24.34
CA CYS B 294 12.05 5.91 -23.78
C CYS B 294 13.05 5.40 -24.80
N ASP B 295 12.63 5.22 -26.06
CA ASP B 295 13.50 4.74 -27.12
C ASP B 295 14.06 5.94 -27.88
N LYS B 296 15.34 6.26 -27.62
CA LYS B 296 15.96 7.40 -28.29
C LYS B 296 16.08 7.18 -29.80
N HIS B 297 16.07 5.93 -30.26
CA HIS B 297 16.13 5.66 -31.69
C HIS B 297 14.77 5.75 -32.36
N ASN B 298 13.69 5.91 -31.59
CA ASN B 298 12.33 5.87 -32.12
C ASN B 298 11.46 6.86 -31.37
N ALA B 299 12.00 8.03 -31.07
CA ALA B 299 11.31 9.01 -30.25
C ALA B 299 10.79 10.17 -31.10
N SER B 300 9.67 10.73 -30.65
CA SER B 300 9.13 11.98 -31.20
C SER B 300 8.82 12.85 -29.98
N VAL B 301 9.82 13.58 -29.50
CA VAL B 301 9.71 14.35 -28.27
C VAL B 301 8.54 15.32 -28.36
N GLU B 302 8.37 15.96 -29.51
CA GLU B 302 7.33 16.99 -29.66
C GLU B 302 5.94 16.38 -29.74
N LYS B 303 5.77 15.30 -30.52
CA LYS B 303 4.48 14.61 -30.53
C LYS B 303 4.11 14.10 -29.15
N SER B 304 5.11 13.62 -28.41
CA SER B 304 4.84 13.09 -27.07
C SER B 304 4.41 14.21 -26.12
N GLN B 305 4.93 15.42 -26.30
CA GLN B 305 4.48 16.52 -25.45
C GLN B 305 3.03 16.88 -25.76
N VAL B 306 2.68 16.96 -27.05
CA VAL B 306 1.32 17.31 -27.45
C VAL B 306 0.35 16.25 -26.99
N GLY B 307 0.73 14.97 -27.10
CA GLY B 307 -0.12 13.91 -26.59
C GLY B 307 -0.27 13.96 -25.09
N PHE B 308 0.84 14.22 -24.39
CA PHE B 308 0.80 14.33 -22.93
C PHE B 308 -0.17 15.41 -22.49
N ILE B 309 -0.12 16.58 -23.16
CA ILE B 309 -1.03 17.67 -22.83
C ILE B 309 -2.46 17.31 -23.18
N ASP B 310 -2.68 16.75 -24.37
CA ASP B 310 -4.03 16.49 -24.85
C ASP B 310 -4.76 15.49 -23.96
N TYR B 311 -4.07 14.43 -23.55
CA TYR B 311 -4.74 13.34 -22.86
C TYR B 311 -4.61 13.39 -21.34
N ILE B 312 -3.61 14.07 -20.79
CA ILE B 312 -3.38 14.04 -19.35
C ILE B 312 -3.41 15.44 -18.73
N VAL B 313 -2.54 16.32 -19.23
CA VAL B 313 -2.29 17.59 -18.54
C VAL B 313 -3.46 18.56 -18.71
N HIS B 314 -3.96 18.70 -19.94
CA HIS B 314 -5.06 19.63 -20.19
C HIS B 314 -6.37 19.14 -19.57
N PRO B 315 -6.76 17.87 -19.71
CA PRO B 315 -7.99 17.43 -19.01
C PRO B 315 -7.91 17.64 -17.51
N LEU B 316 -6.73 17.42 -16.93
CA LEU B 316 -6.55 17.67 -15.50
C LEU B 316 -6.66 19.15 -15.19
N TRP B 317 -5.94 20.00 -15.94
CA TRP B 317 -5.92 21.41 -15.63
C TRP B 317 -7.20 22.13 -16.03
N GLU B 318 -7.98 21.58 -16.97
CA GLU B 318 -9.26 22.21 -17.30
C GLU B 318 -10.33 21.82 -16.30
N THR B 319 -10.28 20.59 -15.78
CA THR B 319 -11.16 20.20 -14.68
C THR B 319 -10.84 21.01 -13.44
N TRP B 320 -9.55 21.17 -13.14
CA TRP B 320 -9.13 22.07 -12.08
C TRP B 320 -9.63 23.49 -12.32
N ALA B 321 -9.47 23.98 -13.57
CA ALA B 321 -9.92 25.32 -13.90
C ALA B 321 -11.40 25.50 -13.61
N ASP B 322 -12.20 24.46 -13.85
CA ASP B 322 -13.64 24.56 -13.60
C ASP B 322 -13.93 24.62 -12.11
N LEU B 323 -13.21 23.82 -11.32
CA LEU B 323 -13.42 23.81 -9.88
C LEU B 323 -13.15 25.17 -9.24
N VAL B 324 -12.20 25.92 -9.78
CA VAL B 324 -11.86 27.22 -9.22
C VAL B 324 -12.17 28.35 -10.20
N HIS B 325 -13.10 28.12 -11.14
CA HIS B 325 -13.51 29.06 -12.17
C HIS B 325 -13.73 30.45 -11.59
N PRO B 326 -13.06 31.47 -12.14
CA PRO B 326 -12.14 31.34 -13.26
C PRO B 326 -10.67 31.63 -12.93
N ASP B 327 -10.23 31.34 -11.70
CA ASP B 327 -8.89 31.75 -11.26
C ASP B 327 -7.76 31.01 -11.97
N ALA B 328 -8.05 29.89 -12.64
CA ALA B 328 -7.02 29.14 -13.35
C ALA B 328 -6.98 29.49 -14.84
N GLN B 329 -7.59 30.61 -15.23
CA GLN B 329 -7.74 30.92 -16.65
C GLN B 329 -6.39 31.18 -17.31
N ASP B 330 -5.48 31.88 -16.62
CA ASP B 330 -4.21 32.22 -17.23
C ASP B 330 -3.29 30.99 -17.31
N ILE B 331 -3.31 30.15 -16.28
CA ILE B 331 -2.54 28.91 -16.33
C ILE B 331 -3.04 28.03 -17.46
N LEU B 332 -4.36 27.91 -17.60
CA LEU B 332 -4.94 27.16 -18.70
C LEU B 332 -4.59 27.78 -20.05
N ASP B 333 -4.60 29.11 -20.14
CA ASP B 333 -4.21 29.77 -21.39
C ASP B 333 -2.78 29.42 -21.77
N THR B 334 -1.86 29.52 -20.80
CA THR B 334 -0.45 29.26 -21.08
C THR B 334 -0.22 27.82 -21.52
N LEU B 335 -0.92 26.89 -20.89
CA LEU B 335 -0.86 25.49 -21.32
C LEU B 335 -1.32 25.37 -22.76
N GLU B 336 -2.44 25.99 -23.10
CA GLU B 336 -2.95 25.90 -24.47
C GLU B 336 -1.98 26.56 -25.44
N ASP B 337 -1.29 27.62 -25.01
CA ASP B 337 -0.29 28.28 -25.86
C ASP B 337 0.90 27.37 -26.10
N ASN B 338 1.33 26.66 -25.06
CA ASN B 338 2.50 25.80 -25.17
C ASN B 338 2.19 24.57 -26.01
N ARG B 339 0.97 24.03 -25.86
CA ARG B 339 0.53 22.97 -26.75
C ARG B 339 0.51 23.47 -28.19
N GLU B 340 0.04 24.70 -28.39
CA GLU B 340 0.13 25.38 -29.68
C GLU B 340 1.57 25.40 -30.20
N TRP B 341 2.51 25.83 -29.35
CA TRP B 341 3.90 25.95 -29.80
C TRP B 341 4.53 24.59 -30.06
N TYR B 342 4.34 23.64 -29.15
CA TYR B 342 4.93 22.34 -29.41
C TYR B 342 4.34 21.71 -30.66
N GLN B 343 3.04 21.91 -30.89
CA GLN B 343 2.43 21.40 -32.12
C GLN B 343 3.06 22.04 -33.35
N SER B 344 3.38 23.34 -33.26
CA SER B 344 3.96 24.02 -34.41
C SER B 344 5.36 23.51 -34.73
N THR B 345 6.02 22.83 -33.80
CA THR B 345 7.33 22.26 -34.09
C THR B 345 7.26 20.92 -34.80
N ILE B 346 6.09 20.36 -35.00
CA ILE B 346 5.89 19.13 -35.77
C ILE B 346 5.65 19.52 -37.23
N PRO B 347 6.51 19.12 -38.17
CA PRO B 347 6.42 19.49 -39.60
C PRO B 347 5.26 18.81 -40.34
MG MG C . -2.22 -11.50 9.78
ZN ZN D . -3.34 -15.07 10.47
C1 3NG E . -8.65 -10.50 16.13
C2 3NG E . -8.53 -11.68 16.91
C3 3NG E . -7.50 -12.58 16.61
C4 3NG E . -6.62 -12.33 15.59
C5 3NG E . -6.74 -11.16 14.82
C6 3NG E . -7.74 -10.26 15.08
C7 3NG E . -10.47 -10.88 18.18
C8 3NG E . -9.49 -11.87 17.97
N9 3NG E . -9.63 -9.57 16.36
C10 3NG E . -10.49 -9.72 17.32
C11 3NG E . -11.29 -12.19 19.98
N12 3NG E . -10.34 -13.16 19.80
C13 3NG E . -9.46 -13.00 18.82
C14 3NG E . -11.40 -11.07 19.22
N15 3NG E . -11.46 -8.77 17.51
C16 3NG E . -11.91 -7.68 16.73
C17 3NG E . -13.18 -7.17 17.01
C18 3NG E . -13.65 -6.11 16.28
C19 3NG E . -12.91 -5.52 15.27
C20 3NG E . -11.66 -6.03 15.00
C21 3NG E . -11.15 -7.09 15.73
CL22 3NG E . -15.25 -5.49 16.62
C23 3NG E . -5.77 -10.89 13.71
O24 3NG E . -4.91 -11.76 13.45
O25 3NG E . -5.88 -9.80 13.10
C1 EDO F . -9.43 -17.76 18.86
O1 EDO F . -10.03 -16.92 19.86
C2 EDO F . -9.33 -16.96 17.56
O2 EDO F . -8.40 -15.89 17.75
C1 EDO G . -5.03 -6.37 19.82
O1 EDO G . -5.07 -5.54 18.65
C2 EDO G . -6.46 -6.63 20.27
O2 EDO G . -7.15 -5.39 20.38
C1 EDO H . -19.23 -26.96 21.82
O1 EDO H . -18.89 -27.27 20.47
C2 EDO H . -19.87 -28.18 22.50
O2 EDO H . -21.04 -28.58 21.77
MG MG I . 6.98 10.95 -8.18
ZN ZN J . 7.34 14.59 -9.14
C1 3NG K . 5.06 11.30 -17.00
C2 3NG K . 5.87 12.34 -17.49
C3 3NG K . 6.76 12.96 -16.58
C4 3NG K . 6.83 12.57 -15.28
C5 3NG K . 6.02 11.53 -14.80
C6 3NG K . 5.15 10.90 -15.65
C7 3NG K . 4.82 11.99 -19.67
C8 3NG K . 5.75 12.70 -18.87
N9 3NG K . 4.17 10.64 -17.80
C10 3NG K . 4.04 10.94 -19.06
C11 3NG K . 5.49 13.34 -21.50
N12 3NG K . 6.40 14.04 -20.76
C13 3NG K . 6.52 13.73 -19.48
C14 3NG K . 4.71 12.34 -21.03
N15 3NG K . 3.11 10.24 -19.80
C16 3NG K . 2.09 9.35 -19.40
C17 3NG K . 1.07 9.05 -20.32
C18 3NG K . 0.07 8.19 -19.95
C19 3NG K . 0.03 7.60 -18.70
C20 3NG K . 1.03 7.88 -17.81
C21 3NG K . 2.05 8.75 -18.15
CL22 3NG K . -1.20 7.82 -21.09
C23 3NG K . 6.11 11.10 -13.37
O24 3NG K . 5.40 10.13 -13.02
O25 3NG K . 6.88 11.72 -12.61
C1 EDO L . 7.54 5.64 -19.89
O1 EDO L . 6.18 5.95 -20.17
C2 EDO L . 8.08 6.60 -18.84
O2 EDO L . 8.77 5.82 -17.84
C1 EDO M . 7.54 17.72 -19.74
O1 EDO M . 8.75 18.27 -19.20
C2 EDO M . 6.66 17.28 -18.58
O2 EDO M . 7.41 16.37 -17.76
C1 EDO N . -2.75 6.05 6.87
O1 EDO N . -2.58 7.08 7.84
C2 EDO N . -2.71 6.65 5.46
O2 EDO N . -3.90 7.43 5.24
#